data_6ODC
#
_entry.id   6ODC
#
_cell.length_a   87.540
_cell.length_b   91.161
_cell.length_c   92.574
_cell.angle_alpha   90.00
_cell.angle_beta   94.07
_cell.angle_gamma   90.00
#
_symmetry.space_group_name_H-M   'P 1 21 1'
#
loop_
_entity.id
_entity.type
_entity.pdbx_description
1 polymer 'Histone deacetylase 8'
2 non-polymer 'ZINC ION'
3 non-polymer 'POTASSIUM ION'
4 non-polymer (2E)-3-[2-(3-cyclopentyl-5,5-dimethyl-2-oxoimidazolidin-1-yl)phenyl]-N-hydroxyprop-2-enamide
5 non-polymer 1,2-ETHANEDIOL
6 water water
#
_entity_poly.entity_id   1
_entity_poly.type   'polypeptide(L)'
_entity_poly.pdbx_seq_one_letter_code
;MHHHHHHSSGVDLGTENLYFQSNAMEEPEEPADSGQSLVPVYIYSPEYVSMCDSLAKIPKRASMVHSLIEAYALHKQMRI
VKPKVASMEEMATFHTDAYLQHLQKVSQEGDDDHPDSIEYGLGYDCPATEGIFDYAAAIGGATITAAQCLIDGMCKVAIN
WSGGWHHAKKDEASGFCYLNDAVLGILRLRRKFERILYVDLDLHHGDGVEDAFSFTSKVMTVSLHKFSPGFFPGTGDVSD
VGLGKGRYYSVNVPIQDGIQDEKYYQICESVLKEVYQAFNPKAVVLQLGADTIAGDPMCSFNMTPVGIGKCLKYILQWQL
ATLILGGGGYNLANTARCWTYLTGVILGKTLSSEIPDHEFFTAYGPDYVLEITPSCRPDRNEPHRIQQILNYIKGNLKHV
VIEGRGSHHHHHH
;
_entity_poly.pdbx_strand_id   A,B,C
#
# COMPACT_ATOMS: atom_id res chain seq x y z
N LEU A 38 -28.81 31.24 24.30
CA LEU A 38 -29.91 32.02 23.64
C LEU A 38 -29.54 32.39 22.18
N VAL A 39 -28.37 33.01 22.01
CA VAL A 39 -27.92 33.49 20.69
C VAL A 39 -26.97 32.46 20.06
N PRO A 40 -27.15 32.14 18.76
CA PRO A 40 -26.32 31.13 18.12
C PRO A 40 -24.90 31.59 17.79
N VAL A 41 -23.94 30.70 18.03
CA VAL A 41 -22.54 30.92 17.68
C VAL A 41 -22.31 30.73 16.17
N TYR A 42 -21.58 31.66 15.57
CA TYR A 42 -21.19 31.61 14.16
C TYR A 42 -19.66 31.52 14.09
N ILE A 43 -19.13 30.36 13.70
CA ILE A 43 -17.68 30.14 13.70
C ILE A 43 -17.07 30.85 12.49
N TYR A 44 -16.21 31.83 12.74
CA TYR A 44 -15.65 32.65 11.66
C TYR A 44 -14.38 33.41 12.04
N SER A 45 -13.40 33.39 11.15
CA SER A 45 -12.33 34.38 11.10
C SER A 45 -12.04 34.66 9.63
N PRO A 46 -11.42 35.81 9.31
CA PRO A 46 -11.08 36.05 7.89
C PRO A 46 -9.99 35.13 7.36
N GLU A 47 -9.12 34.66 8.24
CA GLU A 47 -8.03 33.73 7.91
C GLU A 47 -8.65 32.38 7.57
N TYR A 48 -9.53 31.91 8.46
CA TYR A 48 -10.27 30.67 8.28
C TYR A 48 -11.01 30.62 6.95
N VAL A 49 -11.68 31.70 6.57
CA VAL A 49 -12.36 31.78 5.26
C VAL A 49 -11.38 31.74 4.10
N SER A 50 -10.31 32.54 4.15
CA SER A 50 -9.28 32.56 3.08
C SER A 50 -8.66 31.17 2.86
N MET A 51 -8.49 30.45 3.96
CA MET A 51 -7.95 29.11 3.93
C MET A 51 -8.93 28.15 3.26
N CYS A 52 -10.21 28.29 3.60
CA CYS A 52 -11.26 27.49 2.99
C CYS A 52 -11.55 27.91 1.55
N ASP A 53 -11.29 29.18 1.21
CA ASP A 53 -11.50 29.68 -0.16
C ASP A 53 -10.63 28.99 -1.19
N SER A 54 -9.43 28.58 -0.78
CA SER A 54 -8.49 27.92 -1.69
C SER A 54 -8.65 26.39 -1.59
N LEU A 55 -9.88 25.92 -1.69
CA LEU A 55 -10.21 24.50 -1.79
C LEU A 55 -10.62 24.30 -3.23
N ALA A 56 -10.06 23.27 -3.85
CA ALA A 56 -10.35 22.96 -5.24
C ALA A 56 -11.82 22.53 -5.38
N LYS A 57 -12.43 22.90 -6.50
CA LYS A 57 -13.81 22.53 -6.86
C LYS A 57 -14.89 23.41 -6.20
N ILE A 58 -14.55 24.12 -5.11
CA ILE A 58 -15.43 25.15 -4.53
C ILE A 58 -14.67 26.48 -4.26
N PRO A 59 -13.98 27.02 -5.29
CA PRO A 59 -13.13 28.19 -5.09
C PRO A 59 -13.93 29.43 -4.65
N LYS A 60 -13.47 30.06 -3.58
CA LYS A 60 -14.10 31.25 -2.98
C LYS A 60 -15.55 31.03 -2.50
N ARG A 61 -15.91 29.79 -2.18
CA ARG A 61 -17.26 29.51 -1.73
C ARG A 61 -17.48 30.03 -0.31
N ALA A 62 -16.53 29.74 0.57
CA ALA A 62 -16.58 30.21 1.96
C ALA A 62 -16.80 31.72 2.02
N SER A 63 -16.00 32.44 1.23
CA SER A 63 -16.14 33.90 1.11
C SER A 63 -17.55 34.28 0.70
N MET A 64 -18.02 33.71 -0.39
CA MET A 64 -19.36 34.00 -0.92
C MET A 64 -20.46 33.84 0.11
N VAL A 65 -20.36 32.74 0.86
CA VAL A 65 -21.34 32.38 1.88
C VAL A 65 -21.30 33.40 3.01
N HIS A 66 -20.11 33.65 3.57
CA HIS A 66 -19.97 34.66 4.64
C HIS A 66 -20.37 36.06 4.17
N SER A 67 -19.84 36.43 3.00
CA SER A 67 -20.17 37.68 2.34
C SER A 67 -21.67 37.95 2.23
N LEU A 68 -22.46 36.91 1.94
CA LEU A 68 -23.90 37.08 1.78
C LEU A 68 -24.63 37.10 3.12
N ILE A 69 -24.07 36.39 4.10
CA ILE A 69 -24.58 36.40 5.48
C ILE A 69 -24.41 37.79 6.09
N GLU A 70 -23.20 38.33 5.97
CA GLU A 70 -22.86 39.71 6.37
C GLU A 70 -23.78 40.72 5.69
N ALA A 71 -23.98 40.55 4.39
CA ALA A 71 -24.82 41.47 3.58
C ALA A 71 -26.30 41.47 3.97
N TYR A 72 -26.78 40.39 4.56
CA TYR A 72 -28.12 40.37 5.16
C TYR A 72 -28.08 40.78 6.65
N ALA A 73 -26.90 41.18 7.13
CA ALA A 73 -26.66 41.65 8.50
C ALA A 73 -26.96 40.62 9.59
N LEU A 74 -26.86 39.33 9.23
CA LEU A 74 -27.21 38.27 10.18
C LEU A 74 -26.14 38.03 11.22
N HIS A 75 -24.87 38.29 10.88
CA HIS A 75 -23.77 38.23 11.85
C HIS A 75 -23.95 39.15 13.06
N LYS A 76 -24.69 40.25 12.86
CA LYS A 76 -25.04 41.18 13.95
C LYS A 76 -25.83 40.47 15.06
N GLN A 77 -26.62 39.46 14.70
CA GLN A 77 -27.47 38.72 15.65
C GLN A 77 -26.88 37.38 16.11
N MET A 78 -25.56 37.19 15.95
CA MET A 78 -24.87 35.95 16.32
C MET A 78 -23.58 36.25 17.05
N ARG A 79 -23.16 35.32 17.92
CA ARG A 79 -21.87 35.44 18.61
C ARG A 79 -20.78 34.87 17.69
N ILE A 80 -19.95 35.76 17.15
CA ILE A 80 -18.87 35.39 16.24
C ILE A 80 -17.68 34.85 17.03
N VAL A 81 -17.30 33.59 16.82
CA VAL A 81 -16.18 32.96 17.52
C VAL A 81 -15.09 32.61 16.51
N LYS A 82 -13.86 33.06 16.76
CA LYS A 82 -12.70 32.63 15.95
C LYS A 82 -12.45 31.14 16.21
N PRO A 83 -12.26 30.35 15.15
CA PRO A 83 -11.99 28.93 15.36
C PRO A 83 -10.56 28.67 15.76
N LYS A 84 -10.36 27.69 16.64
CA LYS A 84 -9.04 27.15 16.90
C LYS A 84 -8.59 26.27 15.75
N VAL A 85 -7.31 25.96 15.73
CA VAL A 85 -6.77 24.96 14.85
C VAL A 85 -6.67 23.67 15.67
N ALA A 86 -7.07 22.55 15.07
CA ALA A 86 -6.99 21.27 15.74
C ALA A 86 -5.53 20.86 15.86
N SER A 87 -5.15 20.41 17.04
CA SER A 87 -3.85 19.80 17.29
C SER A 87 -3.84 18.38 16.73
N MET A 88 -2.64 17.84 16.56
CA MET A 88 -2.48 16.45 16.11
C MET A 88 -3.25 15.50 17.03
N GLU A 89 -3.05 15.63 18.35
CA GLU A 89 -3.80 14.84 19.34
C GLU A 89 -5.31 14.82 19.11
N GLU A 90 -5.87 16.00 18.86
CA GLU A 90 -7.31 16.16 18.63
C GLU A 90 -7.78 15.40 17.37
N MET A 91 -7.04 15.57 16.29
CA MET A 91 -7.31 14.87 15.03
C MET A 91 -7.08 13.37 15.14
N ALA A 92 -6.11 12.99 15.95
CA ALA A 92 -5.84 11.57 16.22
C ALA A 92 -6.90 10.87 17.06
N THR A 93 -7.89 11.60 17.59
CA THR A 93 -9.02 10.98 18.30
C THR A 93 -9.81 10.06 17.38
N PHE A 94 -9.79 10.35 16.08
CA PHE A 94 -10.44 9.51 15.07
C PHE A 94 -9.46 8.94 14.05
N HIS A 95 -8.64 9.80 13.48
CA HIS A 95 -7.72 9.41 12.44
C HIS A 95 -6.47 8.75 12.99
N THR A 96 -5.92 7.82 12.21
CA THR A 96 -4.72 7.07 12.59
C THR A 96 -3.53 7.98 12.46
N ASP A 97 -2.50 7.74 13.29
CA ASP A 97 -1.30 8.56 13.25
C ASP A 97 -0.64 8.47 11.86
N ALA A 98 -0.62 7.26 11.30
CA ALA A 98 -0.08 6.99 9.97
C ALA A 98 -0.67 7.93 8.91
N TYR A 99 -2.00 8.05 8.93
CA TYR A 99 -2.71 8.85 7.94
C TYR A 99 -2.40 10.33 8.08
N LEU A 100 -2.50 10.84 9.31
CA LEU A 100 -2.26 12.28 9.57
C LEU A 100 -0.84 12.69 9.22
N GLN A 101 0.13 11.84 9.58
CA GLN A 101 1.53 12.04 9.21
C GLN A 101 1.73 12.13 7.69
N HIS A 102 1.12 11.20 6.94
CA HIS A 102 1.22 11.21 5.48
C HIS A 102 0.61 12.49 4.89
N LEU A 103 -0.59 12.79 5.35
CA LEU A 103 -1.31 14.01 4.93
C LEU A 103 -0.43 15.25 5.12
N GLN A 104 0.31 15.27 6.22
CA GLN A 104 1.21 16.35 6.56
C GLN A 104 2.37 16.46 5.58
N LYS A 105 3.01 15.31 5.29
CA LYS A 105 4.14 15.24 4.35
C LYS A 105 3.72 15.77 3.00
N VAL A 106 2.67 15.18 2.46
CA VAL A 106 2.13 15.52 1.16
C VAL A 106 1.79 17.03 1.03
N SER A 107 1.32 17.62 2.11
CA SER A 107 0.96 19.05 2.16
C SER A 107 2.14 20.02 1.94
N GLN A 108 3.32 19.68 2.46
CA GLN A 108 4.50 20.55 2.36
C GLN A 108 5.18 20.50 1.01
N GLU A 109 5.32 19.28 0.48
CA GLU A 109 6.00 19.02 -0.78
C GLU A 109 4.93 18.99 -1.89
N GLY A 110 4.85 17.87 -2.62
CA GLY A 110 3.73 17.57 -3.52
C GLY A 110 3.45 16.08 -3.57
N ASP A 111 2.77 15.68 -4.64
CA ASP A 111 2.44 14.28 -4.88
C ASP A 111 3.59 13.47 -5.53
N ASP A 112 4.46 14.13 -6.28
CA ASP A 112 5.37 13.40 -7.21
C ASP A 112 6.42 12.43 -6.59
N ASP A 113 6.89 12.68 -5.36
CA ASP A 113 7.79 11.73 -4.65
C ASP A 113 7.09 10.88 -3.54
N HIS A 114 5.77 10.81 -3.62
CA HIS A 114 4.93 9.96 -2.76
C HIS A 114 3.92 9.20 -3.62
N PRO A 115 4.29 7.97 -4.06
CA PRO A 115 3.30 7.05 -4.63
C PRO A 115 2.61 6.24 -3.53
N ASP A 116 3.05 6.42 -2.27
CA ASP A 116 2.32 5.99 -1.07
C ASP A 116 0.88 6.60 -0.96
N SER A 117 0.65 7.73 -1.62
CA SER A 117 -0.63 8.46 -1.59
C SER A 117 -1.92 7.69 -1.93
N ILE A 118 -1.88 6.76 -2.89
CA ILE A 118 -3.10 6.01 -3.26
C ILE A 118 -3.62 5.19 -2.05
N GLU A 119 -2.71 4.70 -1.23
CA GLU A 119 -3.07 3.91 -0.04
C GLU A 119 -3.89 4.70 0.97
N TYR A 120 -3.72 6.02 0.99
CA TYR A 120 -4.39 6.93 1.93
C TYR A 120 -5.46 7.78 1.25
N GLY A 121 -5.91 7.33 0.09
CA GLY A 121 -7.10 7.89 -0.55
C GLY A 121 -6.88 9.16 -1.35
N LEU A 122 -5.63 9.50 -1.65
CA LEU A 122 -5.33 10.74 -2.36
C LEU A 122 -5.10 10.47 -3.86
N GLY A 123 -6.19 10.45 -4.65
CA GLY A 123 -6.15 10.22 -6.12
C GLY A 123 -6.68 11.42 -6.88
N TYR A 124 -7.45 11.19 -7.95
CA TYR A 124 -8.16 12.29 -8.64
C TYR A 124 -9.30 12.85 -7.76
N ASP A 125 -10.06 11.94 -7.12
CA ASP A 125 -11.14 12.30 -6.18
C ASP A 125 -10.68 13.28 -5.09
N CYS A 126 -9.52 13.00 -4.50
CA CYS A 126 -8.85 13.88 -3.52
C CYS A 126 -7.41 14.25 -3.93
N PRO A 127 -7.23 15.44 -4.54
CA PRO A 127 -5.88 15.85 -4.97
C PRO A 127 -4.92 16.00 -3.81
N ALA A 128 -3.66 15.61 -4.05
CA ALA A 128 -2.64 15.66 -3.03
C ALA A 128 -1.94 17.03 -3.03
N THR A 129 -2.74 18.11 -3.06
CA THR A 129 -2.23 19.46 -3.31
C THR A 129 -1.54 20.04 -2.07
N GLU A 130 -0.74 21.08 -2.28
CA GLU A 130 -0.01 21.73 -1.20
C GLU A 130 -0.93 22.55 -0.29
N GLY A 131 -0.64 22.52 1.01
CA GLY A 131 -1.42 23.22 2.02
C GLY A 131 -2.58 22.46 2.65
N ILE A 132 -2.91 21.29 2.12
CA ILE A 132 -4.16 20.60 2.52
C ILE A 132 -4.21 20.13 3.97
N PHE A 133 -3.07 19.88 4.60
CA PHE A 133 -3.06 19.52 6.04
C PHE A 133 -3.51 20.69 6.91
N ASP A 134 -3.12 21.90 6.53
CA ASP A 134 -3.48 23.10 7.28
C ASP A 134 -4.98 23.39 7.13
N TYR A 135 -5.51 23.17 5.93
CA TYR A 135 -6.96 23.30 5.66
C TYR A 135 -7.72 22.30 6.51
N ALA A 136 -7.26 21.05 6.53
CA ALA A 136 -7.88 20.02 7.36
C ALA A 136 -7.91 20.39 8.83
N ALA A 137 -6.75 20.72 9.37
CA ALA A 137 -6.64 21.11 10.79
C ALA A 137 -7.53 22.30 11.14
N ALA A 138 -7.63 23.27 10.22
CA ALA A 138 -8.49 24.43 10.37
C ALA A 138 -9.97 24.04 10.45
N ILE A 139 -10.41 23.24 9.48
CA ILE A 139 -11.80 22.83 9.36
C ILE A 139 -12.21 21.98 10.57
N GLY A 140 -11.38 20.98 10.87
CA GLY A 140 -11.57 20.16 12.07
C GLY A 140 -11.56 20.96 13.36
N GLY A 141 -10.72 21.98 13.40
CA GLY A 141 -10.69 22.94 14.51
C GLY A 141 -12.00 23.71 14.68
N ALA A 142 -12.50 24.25 13.57
CA ALA A 142 -13.75 25.02 13.61
C ALA A 142 -14.91 24.19 14.15
N THR A 143 -15.02 22.96 13.66
CA THR A 143 -16.05 22.05 14.12
C THR A 143 -15.84 21.68 15.60
N ILE A 144 -14.59 21.47 16.00
CA ILE A 144 -14.28 21.17 17.41
C ILE A 144 -14.64 22.35 18.32
N THR A 145 -14.25 23.55 17.88
CA THR A 145 -14.58 24.78 18.57
C THR A 145 -16.10 24.92 18.78
N ALA A 146 -16.84 24.66 17.70
CA ALA A 146 -18.27 24.79 17.74
C ALA A 146 -18.89 23.82 18.75
N ALA A 147 -18.35 22.61 18.80
CA ALA A 147 -18.80 21.59 19.76
C ALA A 147 -18.45 22.03 21.18
N GLN A 148 -17.27 22.61 21.35
CA GLN A 148 -16.84 23.17 22.64
C GLN A 148 -17.80 24.26 23.14
N CYS A 149 -18.12 25.22 22.28
CA CYS A 149 -19.13 26.21 22.61
C CYS A 149 -20.42 25.59 23.12
N LEU A 150 -20.86 24.50 22.50
CA LEU A 150 -22.08 23.80 22.93
C LEU A 150 -21.99 23.06 24.27
N ILE A 151 -20.81 22.49 24.57
CA ILE A 151 -20.55 21.83 25.86
C ILE A 151 -20.61 22.86 27.01
N ASP A 152 -19.88 23.96 26.81
CA ASP A 152 -19.79 25.05 27.78
C ASP A 152 -21.12 25.74 28.11
N GLY A 153 -22.17 25.53 27.32
CA GLY A 153 -23.45 26.23 27.52
C GLY A 153 -23.49 27.65 26.95
N MET A 154 -22.43 28.03 26.21
CA MET A 154 -22.36 29.30 25.46
C MET A 154 -23.54 29.54 24.48
N CYS A 155 -24.19 28.47 24.00
CA CYS A 155 -25.29 28.55 23.00
C CYS A 155 -26.00 27.21 22.88
N LYS A 156 -27.19 27.21 22.26
CA LYS A 156 -27.91 25.98 21.88
C LYS A 156 -27.65 25.57 20.42
N VAL A 157 -27.11 26.50 19.63
CA VAL A 157 -26.80 26.25 18.21
C VAL A 157 -25.45 26.84 17.84
N ALA A 158 -24.63 26.07 17.13
CA ALA A 158 -23.30 26.53 16.71
C ALA A 158 -23.10 26.15 15.28
N ILE A 159 -22.56 27.08 14.48
CA ILE A 159 -22.55 26.98 13.03
C ILE A 159 -21.13 27.02 12.49
N ASN A 160 -20.82 26.09 11.58
CA ASN A 160 -19.57 26.06 10.81
C ASN A 160 -19.86 25.61 9.38
N TRP A 161 -20.30 26.55 8.54
CA TRP A 161 -20.70 26.19 7.15
C TRP A 161 -19.57 25.60 6.29
N SER A 162 -18.33 25.94 6.58
CA SER A 162 -17.18 25.38 5.87
C SER A 162 -16.86 23.92 6.28
N GLY A 163 -17.50 23.40 7.32
CA GLY A 163 -17.39 21.98 7.65
C GLY A 163 -18.40 21.10 6.91
N GLY A 164 -18.55 19.86 7.41
CA GLY A 164 -19.42 18.83 6.81
C GLY A 164 -18.73 17.77 5.95
N TRP A 165 -17.41 17.58 6.12
CA TRP A 165 -16.64 16.64 5.29
CA TRP A 165 -16.64 16.64 5.29
C TRP A 165 -16.94 15.19 5.70
N HIS A 166 -18.14 14.75 5.33
CA HIS A 166 -18.70 13.50 5.84
C HIS A 166 -18.13 12.18 5.32
N HIS A 167 -17.36 12.20 4.23
CA HIS A 167 -16.83 10.95 3.63
C HIS A 167 -15.52 10.42 4.20
N ALA A 168 -14.70 11.27 4.84
CA ALA A 168 -13.37 10.86 5.28
C ALA A 168 -13.41 9.72 6.28
N LYS A 169 -12.45 8.80 6.12
CA LYS A 169 -12.32 7.59 6.94
C LYS A 169 -11.14 7.77 7.87
N LYS A 170 -11.03 6.89 8.86
CA LYS A 170 -9.96 7.00 9.83
C LYS A 170 -8.58 7.06 9.19
N ASP A 171 -8.37 6.33 8.10
CA ASP A 171 -7.02 6.29 7.47
C ASP A 171 -7.05 6.53 5.98
N GLU A 172 -8.07 7.21 5.49
CA GLU A 172 -8.28 7.33 4.06
C GLU A 172 -9.12 8.56 3.77
N ALA A 173 -8.63 9.45 2.92
CA ALA A 173 -9.47 10.51 2.37
C ALA A 173 -10.46 9.89 1.39
N SER A 174 -11.54 10.61 1.11
CA SER A 174 -12.58 10.11 0.22
C SER A 174 -13.50 11.24 -0.21
N GLY A 175 -13.84 11.31 -1.49
CA GLY A 175 -14.85 12.26 -1.98
C GLY A 175 -14.55 13.69 -1.59
N PHE A 176 -13.30 14.08 -1.78
CA PHE A 176 -12.84 15.43 -1.46
C PHE A 176 -12.92 15.82 0.04
N CYS A 177 -13.00 14.81 0.91
CA CYS A 177 -12.98 14.98 2.35
C CYS A 177 -11.67 14.40 2.89
N TYR A 178 -10.80 15.27 3.40
CA TYR A 178 -9.46 14.86 3.86
C TYR A 178 -9.44 14.56 5.35
N LEU A 179 -10.52 14.92 6.05
CA LEU A 179 -10.56 14.82 7.49
C LEU A 179 -12.00 14.94 7.93
N ASN A 180 -12.51 14.00 8.73
CA ASN A 180 -13.92 13.97 9.06
C ASN A 180 -14.20 14.86 10.28
N ASP A 181 -14.37 16.15 9.99
CA ASP A 181 -14.65 17.14 11.01
C ASP A 181 -15.93 16.80 11.77
N ALA A 182 -16.96 16.33 11.07
CA ALA A 182 -18.20 15.93 11.73
C ALA A 182 -17.93 14.91 12.85
N VAL A 183 -17.13 13.89 12.56
CA VAL A 183 -16.83 12.86 13.56
C VAL A 183 -16.12 13.49 14.77
N LEU A 184 -15.17 14.39 14.52
CA LEU A 184 -14.40 15.03 15.60
C LEU A 184 -15.29 15.81 16.54
N GLY A 185 -16.23 16.54 15.95
CA GLY A 185 -17.23 17.28 16.72
C GLY A 185 -18.08 16.37 17.57
N ILE A 186 -18.54 15.27 16.96
CA ILE A 186 -19.35 14.28 17.67
C ILE A 186 -18.60 13.70 18.87
N LEU A 187 -17.32 13.36 18.67
CA LEU A 187 -16.49 12.88 19.78
C LEU A 187 -16.27 13.93 20.86
N ARG A 188 -16.17 15.21 20.49
CA ARG A 188 -16.07 16.29 21.49
C ARG A 188 -17.38 16.39 22.29
N LEU A 189 -18.50 16.49 21.58
CA LEU A 189 -19.82 16.54 22.23
C LEU A 189 -20.07 15.39 23.22
N ARG A 190 -19.50 14.22 22.92
CA ARG A 190 -19.67 13.03 23.75
C ARG A 190 -19.17 13.20 25.20
N ARG A 191 -18.24 14.12 25.44
CA ARG A 191 -17.83 14.47 26.80
C ARG A 191 -18.99 14.89 27.71
N LYS A 192 -19.91 15.70 27.20
CA LYS A 192 -21.09 16.13 27.97
C LYS A 192 -22.38 15.38 27.66
N PHE A 193 -22.59 14.98 26.41
CA PHE A 193 -23.87 14.42 26.00
C PHE A 193 -23.75 12.91 25.75
N GLU A 194 -24.61 12.12 26.37
CA GLU A 194 -24.50 10.66 26.39
C GLU A 194 -24.84 10.03 25.05
N ARG A 195 -25.98 10.42 24.50
CA ARG A 195 -26.43 10.00 23.15
C ARG A 195 -26.40 11.21 22.20
N ILE A 196 -25.88 11.00 20.98
CA ILE A 196 -25.80 12.05 19.94
C ILE A 196 -26.40 11.59 18.62
N LEU A 197 -27.18 12.47 17.98
CA LEU A 197 -27.82 12.19 16.70
C LEU A 197 -27.11 12.95 15.58
N TYR A 198 -26.69 12.22 14.54
CA TYR A 198 -26.10 12.82 13.35
C TYR A 198 -27.16 12.73 12.27
N VAL A 199 -27.46 13.86 11.63
CA VAL A 199 -28.44 13.91 10.54
C VAL A 199 -27.78 14.54 9.32
N ASP A 200 -27.81 13.82 8.21
CA ASP A 200 -27.05 14.16 7.03
C ASP A 200 -27.97 14.36 5.82
N LEU A 201 -28.23 15.62 5.48
CA LEU A 201 -29.15 15.98 4.40
C LEU A 201 -28.46 16.36 3.11
N ASP A 202 -27.13 16.18 3.06
CA ASP A 202 -26.38 16.20 1.81
C ASP A 202 -26.97 15.18 0.85
N LEU A 203 -26.80 15.45 -0.43
CA LEU A 203 -27.21 14.55 -1.49
C LEU A 203 -26.54 13.20 -1.33
N HIS A 204 -25.27 13.21 -0.92
CA HIS A 204 -24.50 11.99 -0.76
C HIS A 204 -24.69 11.34 0.60
N HIS A 205 -24.53 10.00 0.59
CA HIS A 205 -24.56 9.19 1.78
C HIS A 205 -23.43 9.60 2.71
N GLY A 206 -23.75 9.92 3.97
CA GLY A 206 -22.75 10.27 4.97
C GLY A 206 -22.06 9.03 5.50
N ASP A 207 -21.21 8.46 4.67
CA ASP A 207 -20.64 7.13 4.88
C ASP A 207 -19.49 7.13 5.87
N GLY A 208 -18.64 8.15 5.83
CA GLY A 208 -17.50 8.25 6.73
C GLY A 208 -17.95 8.31 8.18
N VAL A 209 -18.97 9.12 8.41
CA VAL A 209 -19.50 9.35 9.76
C VAL A 209 -20.21 8.08 10.21
N GLU A 210 -21.05 7.51 9.34
CA GLU A 210 -21.74 6.25 9.68
C GLU A 210 -20.76 5.14 10.05
N ASP A 211 -19.73 4.97 9.22
CA ASP A 211 -18.69 3.95 9.43
C ASP A 211 -18.00 4.12 10.76
N ALA A 212 -17.74 5.36 11.16
CA ALA A 212 -17.03 5.63 12.40
C ALA A 212 -17.83 5.22 13.63
N PHE A 213 -19.15 5.20 13.53
CA PHE A 213 -20.00 4.84 14.66
C PHE A 213 -20.89 3.63 14.39
N SER A 214 -20.58 2.82 13.37
CA SER A 214 -21.44 1.70 12.99
C SER A 214 -21.56 0.66 14.08
N PHE A 215 -20.52 0.51 14.92
CA PHE A 215 -20.53 -0.47 16.03
C PHE A 215 -20.99 0.06 17.39
N THR A 216 -21.50 1.29 17.45
CA THR A 216 -21.99 1.84 18.70
C THR A 216 -23.44 2.31 18.57
N SER A 217 -24.08 2.32 19.76
CA SER A 217 -25.43 2.82 20.00
C SER A 217 -25.41 4.17 20.71
N LYS A 218 -24.23 4.69 21.02
CA LYS A 218 -24.11 6.00 21.66
C LYS A 218 -24.27 7.15 20.66
N VAL A 219 -24.10 6.86 19.38
CA VAL A 219 -24.27 7.83 18.29
C VAL A 219 -25.19 7.20 17.25
N MET A 220 -26.29 7.88 16.90
CA MET A 220 -27.16 7.44 15.79
C MET A 220 -26.91 8.30 14.55
N THR A 221 -26.70 7.65 13.41
CA THR A 221 -26.52 8.34 12.14
C THR A 221 -27.77 8.15 11.27
N VAL A 222 -28.29 9.28 10.75
CA VAL A 222 -29.41 9.29 9.83
C VAL A 222 -28.96 10.02 8.58
N SER A 223 -29.01 9.36 7.43
CA SER A 223 -28.70 9.99 6.14
C SER A 223 -29.83 9.83 5.13
N LEU A 224 -30.26 10.94 4.56
CA LEU A 224 -31.09 10.95 3.34
C LEU A 224 -30.18 11.25 2.16
N HIS A 225 -30.23 10.43 1.11
CA HIS A 225 -29.32 10.56 -0.02
C HIS A 225 -29.85 9.89 -1.26
N LYS A 226 -29.30 10.31 -2.39
CA LYS A 226 -29.43 9.57 -3.63
C LYS A 226 -28.72 8.22 -3.51
N PHE A 227 -29.40 7.17 -3.94
CA PHE A 227 -28.84 5.82 -4.04
C PHE A 227 -29.17 5.26 -5.41
N SER A 228 -28.17 5.12 -6.26
CA SER A 228 -28.35 4.64 -7.63
C SER A 228 -27.10 3.99 -8.17
N PRO A 229 -27.24 2.95 -8.99
CA PRO A 229 -26.09 2.28 -9.59
C PRO A 229 -25.03 3.26 -10.08
N GLY A 230 -23.84 3.16 -9.51
CA GLY A 230 -22.70 3.99 -9.93
C GLY A 230 -22.54 5.35 -9.25
N PHE A 231 -23.59 5.80 -8.55
CA PHE A 231 -23.59 7.06 -7.82
C PHE A 231 -22.86 6.97 -6.50
N PHE A 232 -21.95 7.93 -6.28
CA PHE A 232 -21.04 7.95 -5.14
C PHE A 232 -21.77 8.12 -3.80
N PRO A 233 -21.29 7.52 -2.71
CA PRO A 233 -20.19 6.55 -2.66
C PRO A 233 -20.63 5.07 -2.85
N GLY A 234 -21.83 4.82 -3.38
CA GLY A 234 -22.29 3.45 -3.58
C GLY A 234 -22.98 2.82 -2.38
N THR A 235 -22.86 3.43 -1.20
CA THR A 235 -23.32 2.84 0.05
C THR A 235 -24.64 3.50 0.47
N GLY A 236 -25.23 2.97 1.53
CA GLY A 236 -26.35 3.59 2.20
C GLY A 236 -27.73 3.17 1.71
N ASP A 237 -27.91 1.89 1.39
CA ASP A 237 -29.26 1.38 1.09
C ASP A 237 -30.01 1.28 2.42
N VAL A 238 -31.33 1.13 2.37
CA VAL A 238 -32.16 1.12 3.59
C VAL A 238 -31.80 0.00 4.58
N SER A 239 -31.34 -1.12 4.02
CA SER A 239 -30.87 -2.29 4.78
C SER A 239 -29.53 -2.09 5.51
N ASP A 240 -28.85 -0.97 5.24
CA ASP A 240 -27.73 -0.50 6.04
C ASP A 240 -28.27 -0.01 7.38
N VAL A 241 -28.02 -0.81 8.41
CA VAL A 241 -28.56 -0.57 9.75
C VAL A 241 -27.51 -0.51 10.87
N GLY A 242 -26.26 -0.80 10.55
CA GLY A 242 -25.19 -0.87 11.55
C GLY A 242 -24.90 -2.29 11.96
N LEU A 243 -23.90 -2.43 12.82
CA LEU A 243 -23.32 -3.73 13.15
C LEU A 243 -23.07 -3.87 14.65
N GLY A 244 -23.07 -5.13 15.12
CA GLY A 244 -22.81 -5.43 16.53
C GLY A 244 -23.75 -4.68 17.44
N LYS A 245 -23.19 -3.96 18.40
CA LYS A 245 -23.99 -3.19 19.36
C LYS A 245 -24.72 -2.01 18.70
N GLY A 246 -24.19 -1.51 17.58
CA GLY A 246 -24.84 -0.46 16.78
C GLY A 246 -25.83 -0.88 15.69
N ARG A 247 -26.24 -2.15 15.65
CA ARG A 247 -27.31 -2.60 14.76
C ARG A 247 -28.62 -1.87 15.11
N TYR A 248 -29.25 -1.30 14.07
CA TYR A 248 -30.41 -0.39 14.15
C TYR A 248 -30.08 1.06 14.59
N TYR A 249 -28.80 1.37 14.82
CA TYR A 249 -28.36 2.71 15.17
C TYR A 249 -27.58 3.39 14.01
N SER A 250 -27.84 2.89 12.78
CA SER A 250 -27.64 3.59 11.53
C SER A 250 -28.99 3.60 10.78
N VAL A 251 -29.40 4.76 10.28
CA VAL A 251 -30.60 4.89 9.42
C VAL A 251 -30.21 5.46 8.05
N ASN A 252 -30.76 4.87 6.99
CA ASN A 252 -30.46 5.28 5.63
C ASN A 252 -31.73 5.28 4.80
N VAL A 253 -32.03 6.43 4.20
CA VAL A 253 -33.18 6.64 3.35
C VAL A 253 -32.72 6.83 1.89
N PRO A 254 -32.80 5.77 1.06
CA PRO A 254 -32.40 5.96 -0.35
C PRO A 254 -33.51 6.65 -1.15
N ILE A 255 -33.16 7.73 -1.84
CA ILE A 255 -34.12 8.57 -2.58
C ILE A 255 -33.63 8.71 -4.03
N GLN A 256 -34.55 8.66 -4.99
CA GLN A 256 -34.21 8.81 -6.41
C GLN A 256 -34.36 10.26 -6.86
N ASP A 257 -33.78 10.53 -8.04
CA ASP A 257 -33.78 11.86 -8.68
C ASP A 257 -35.10 12.60 -8.68
N GLY A 258 -35.01 13.91 -8.58
CA GLY A 258 -36.12 14.80 -8.88
C GLY A 258 -37.10 15.07 -7.75
N ILE A 259 -36.73 14.67 -6.54
CA ILE A 259 -37.54 14.94 -5.37
C ILE A 259 -37.60 16.43 -5.08
N GLN A 260 -38.77 16.89 -4.61
CA GLN A 260 -39.01 18.30 -4.29
C GLN A 260 -39.36 18.47 -2.83
N ASP A 261 -39.39 19.72 -2.40
CA ASP A 261 -39.58 20.10 -1.01
C ASP A 261 -40.68 19.33 -0.27
N GLU A 262 -41.88 19.27 -0.83
CA GLU A 262 -43.02 18.71 -0.09
C GLU A 262 -42.74 17.26 0.30
N LYS A 263 -42.35 16.44 -0.68
CA LYS A 263 -42.14 15.01 -0.49
C LYS A 263 -40.95 14.70 0.44
N TYR A 264 -39.83 15.39 0.22
CA TYR A 264 -38.64 15.26 1.06
C TYR A 264 -38.95 15.55 2.53
N TYR A 265 -39.71 16.60 2.81
CA TYR A 265 -40.01 16.92 4.20
C TYR A 265 -40.93 15.88 4.83
N GLN A 266 -41.91 15.37 4.07
CA GLN A 266 -42.74 14.26 4.54
C GLN A 266 -41.87 13.11 4.98
N ILE A 267 -40.96 12.71 4.09
CA ILE A 267 -39.99 11.66 4.37
C ILE A 267 -39.12 11.99 5.57
N CYS A 268 -38.60 13.21 5.61
CA CYS A 268 -37.68 13.60 6.68
C CYS A 268 -38.37 13.66 8.03
N GLU A 269 -39.56 14.22 8.08
CA GLU A 269 -40.28 14.41 9.33
C GLU A 269 -40.77 13.08 9.89
N SER A 270 -41.33 12.27 9.00
CA SER A 270 -41.68 10.87 9.28
C SER A 270 -40.53 10.11 10.00
N VAL A 271 -39.35 10.05 9.38
CA VAL A 271 -38.16 9.38 9.94
C VAL A 271 -37.66 10.03 11.24
N LEU A 272 -37.55 11.35 11.28
CA LEU A 272 -37.05 12.04 12.48
C LEU A 272 -37.99 11.95 13.67
N LYS A 273 -39.30 11.85 13.41
CA LYS A 273 -40.28 11.62 14.48
C LYS A 273 -39.95 10.29 15.16
N GLU A 274 -39.84 9.23 14.37
CA GLU A 274 -39.55 7.88 14.88
C GLU A 274 -38.21 7.84 15.63
N VAL A 275 -37.19 8.52 15.10
CA VAL A 275 -35.86 8.55 15.71
C VAL A 275 -35.86 9.25 17.06
N TYR A 276 -36.53 10.41 17.14
CA TYR A 276 -36.57 11.17 18.40
C TYR A 276 -37.21 10.35 19.51
N GLN A 277 -38.30 9.65 19.19
CA GLN A 277 -38.97 8.78 20.16
C GLN A 277 -38.08 7.63 20.63
N ALA A 278 -37.50 6.90 19.68
CA ALA A 278 -36.67 5.73 19.97
C ALA A 278 -35.35 6.08 20.66
N PHE A 279 -34.59 6.96 20.04
CA PHE A 279 -33.22 7.24 20.45
C PHE A 279 -33.08 8.25 21.57
N ASN A 280 -34.09 9.11 21.74
CA ASN A 280 -34.06 10.22 22.72
C ASN A 280 -32.67 10.91 22.83
N PRO A 281 -32.21 11.57 21.76
CA PRO A 281 -30.89 12.18 21.76
C PRO A 281 -30.77 13.36 22.72
N LYS A 282 -29.56 13.62 23.17
CA LYS A 282 -29.24 14.80 24.00
C LYS A 282 -28.50 15.92 23.27
N ALA A 283 -27.99 15.65 22.08
CA ALA A 283 -27.35 16.65 21.22
C ALA A 283 -27.44 16.22 19.75
N VAL A 284 -27.25 17.17 18.84
CA VAL A 284 -27.46 16.93 17.39
C VAL A 284 -26.34 17.54 16.55
N VAL A 285 -25.81 16.77 15.58
CA VAL A 285 -24.92 17.33 14.56
C VAL A 285 -25.61 17.15 13.24
N LEU A 286 -25.74 18.27 12.50
CA LEU A 286 -26.62 18.34 11.34
C LEU A 286 -25.88 18.87 10.11
N GLN A 287 -25.72 18.01 9.11
CA GLN A 287 -24.95 18.31 7.90
C GLN A 287 -25.98 18.73 6.85
N LEU A 288 -25.79 19.91 6.27
CA LEU A 288 -26.79 20.48 5.37
C LEU A 288 -26.22 20.82 3.99
N GLY A 289 -25.35 19.96 3.48
CA GLY A 289 -24.91 20.06 2.11
C GLY A 289 -26.01 20.45 1.12
N ALA A 290 -25.71 21.48 0.33
CA ALA A 290 -26.67 22.07 -0.59
C ALA A 290 -26.59 21.53 -2.02
N ASP A 291 -25.84 20.46 -2.22
CA ASP A 291 -25.89 19.72 -3.51
C ASP A 291 -27.22 19.00 -3.79
N THR A 292 -28.18 19.10 -2.90
CA THR A 292 -29.55 18.68 -3.19
C THR A 292 -30.34 19.75 -3.92
N ILE A 293 -29.79 20.95 -4.01
CA ILE A 293 -30.61 22.10 -4.41
C ILE A 293 -30.72 22.16 -5.94
N ALA A 294 -31.90 22.55 -6.42
CA ALA A 294 -32.10 22.71 -7.85
C ALA A 294 -30.99 23.59 -8.47
N GLY A 295 -30.55 23.20 -9.66
CA GLY A 295 -29.47 23.88 -10.34
C GLY A 295 -28.07 23.54 -9.89
N ASP A 296 -27.93 22.51 -9.06
CA ASP A 296 -26.59 22.03 -8.74
C ASP A 296 -26.11 21.22 -9.93
N PRO A 297 -24.80 21.30 -10.23
CA PRO A 297 -24.17 20.39 -11.19
C PRO A 297 -24.51 18.89 -11.00
N MET A 298 -24.55 18.39 -9.75
CA MET A 298 -24.93 16.98 -9.48
C MET A 298 -26.28 16.65 -10.12
N CYS A 299 -27.12 17.65 -10.26
CA CYS A 299 -28.32 17.57 -11.06
C CYS A 299 -29.17 16.35 -10.74
N SER A 300 -29.41 16.09 -9.45
CA SER A 300 -30.13 14.88 -9.03
C SER A 300 -31.45 15.19 -8.30
N PHE A 301 -31.37 15.86 -7.15
CA PHE A 301 -32.60 16.21 -6.44
C PHE A 301 -33.06 17.56 -6.95
N ASN A 302 -34.30 17.90 -6.62
CA ASN A 302 -34.94 19.15 -7.07
C ASN A 302 -35.47 19.98 -5.88
N MET A 303 -34.59 20.17 -4.90
CA MET A 303 -34.98 20.83 -3.66
C MET A 303 -34.74 22.32 -3.75
N THR A 304 -35.43 23.03 -2.87
CA THR A 304 -35.14 24.46 -2.62
C THR A 304 -34.80 24.61 -1.16
N PRO A 305 -34.16 25.73 -0.78
CA PRO A 305 -33.82 25.92 0.63
C PRO A 305 -35.01 25.94 1.58
N VAL A 306 -36.19 26.32 1.08
CA VAL A 306 -37.40 26.28 1.88
C VAL A 306 -37.60 24.89 2.48
N GLY A 307 -37.58 23.88 1.61
CA GLY A 307 -37.76 22.49 1.99
C GLY A 307 -36.77 22.03 3.06
N ILE A 308 -35.48 22.33 2.86
CA ILE A 308 -34.48 21.95 3.84
C ILE A 308 -34.73 22.72 5.14
N GLY A 309 -35.13 23.98 5.02
CA GLY A 309 -35.51 24.78 6.19
C GLY A 309 -36.55 24.15 7.07
N LYS A 310 -37.55 23.52 6.45
CA LYS A 310 -38.57 22.83 7.23
C LYS A 310 -37.95 21.73 8.08
N CYS A 311 -37.08 20.93 7.46
CA CYS A 311 -36.34 19.88 8.18
C CYS A 311 -35.50 20.45 9.32
N LEU A 312 -34.87 21.59 9.06
CA LEU A 312 -34.06 22.28 10.06
C LEU A 312 -34.90 22.74 11.24
N LYS A 313 -36.01 23.43 10.92
CA LYS A 313 -37.00 23.89 11.91
C LYS A 313 -37.44 22.74 12.78
N TYR A 314 -37.81 21.63 12.15
CA TYR A 314 -38.26 20.44 12.87
C TYR A 314 -37.22 19.89 13.87
N ILE A 315 -35.93 19.99 13.54
CA ILE A 315 -34.85 19.62 14.48
C ILE A 315 -34.65 20.66 15.59
N LEU A 316 -34.77 21.94 15.23
CA LEU A 316 -34.61 23.04 16.20
C LEU A 316 -35.69 23.07 17.30
N GLN A 317 -36.95 22.79 16.94
CA GLN A 317 -38.05 22.70 17.93
C GLN A 317 -37.74 21.71 19.09
N TRP A 318 -36.87 20.72 18.86
CA TRP A 318 -36.39 19.83 19.94
C TRP A 318 -35.59 20.56 21.01
N GLN A 319 -35.11 21.78 20.76
CA GLN A 319 -34.42 22.57 21.76
C GLN A 319 -33.14 21.91 22.30
N LEU A 320 -32.54 21.01 21.52
CA LEU A 320 -31.28 20.37 21.95
C LEU A 320 -30.08 21.19 21.47
N ALA A 321 -28.92 20.88 22.06
CA ALA A 321 -27.65 21.45 21.61
C ALA A 321 -27.44 20.97 20.17
N THR A 322 -27.19 21.90 19.24
CA THR A 322 -27.17 21.58 17.82
C THR A 322 -25.97 22.21 17.08
N LEU A 323 -25.15 21.35 16.48
CA LEU A 323 -23.98 21.76 15.67
C LEU A 323 -24.37 21.70 14.19
N ILE A 324 -24.26 22.84 13.52
CA ILE A 324 -24.68 22.99 12.13
C ILE A 324 -23.45 23.00 11.24
N LEU A 325 -23.47 22.17 10.20
CA LEU A 325 -22.38 22.05 9.25
C LEU A 325 -22.89 22.17 7.83
N GLY A 326 -21.97 22.55 6.95
CA GLY A 326 -22.25 22.62 5.53
C GLY A 326 -21.99 21.27 4.88
N GLY A 327 -21.17 21.28 3.83
CA GLY A 327 -20.85 20.09 3.08
C GLY A 327 -20.73 20.35 1.59
N GLY A 328 -21.40 19.52 0.80
CA GLY A 328 -21.45 19.71 -0.61
C GLY A 328 -22.25 20.93 -0.97
N GLY A 329 -22.13 21.34 -2.23
CA GLY A 329 -22.88 22.43 -2.79
C GLY A 329 -21.99 23.07 -3.84
N TYR A 330 -22.28 22.77 -5.10
CA TYR A 330 -21.36 23.07 -6.18
C TYR A 330 -21.85 24.11 -7.21
N ASN A 331 -23.12 24.49 -7.14
CA ASN A 331 -23.55 25.80 -7.65
C ASN A 331 -23.36 26.78 -6.50
N LEU A 332 -22.27 27.55 -6.57
CA LEU A 332 -21.79 28.31 -5.41
C LEU A 332 -22.77 29.38 -4.92
N ALA A 333 -23.35 30.13 -5.86
CA ALA A 333 -24.36 31.13 -5.52
C ALA A 333 -25.58 30.50 -4.88
N ASN A 334 -26.13 29.46 -5.50
CA ASN A 334 -27.23 28.69 -4.90
C ASN A 334 -26.87 28.14 -3.50
N THR A 335 -25.65 27.64 -3.34
CA THR A 335 -25.16 27.19 -2.04
C THR A 335 -25.11 28.29 -0.98
N ALA A 336 -24.72 29.50 -1.38
CA ALA A 336 -24.76 30.68 -0.50
C ALA A 336 -26.19 31.15 -0.23
N ARG A 337 -27.03 31.18 -1.27
CA ARG A 337 -28.45 31.48 -1.06
C ARG A 337 -29.02 30.55 -0.01
N CYS A 338 -28.73 29.25 -0.15
CA CYS A 338 -29.31 28.23 0.72
C CYS A 338 -28.85 28.44 2.15
N TRP A 339 -27.55 28.42 2.35
CA TRP A 339 -27.02 28.51 3.70
C TRP A 339 -27.28 29.85 4.38
N THR A 340 -27.43 30.91 3.61
CA THR A 340 -27.86 32.19 4.15
C THR A 340 -29.31 32.08 4.61
N TYR A 341 -30.19 31.64 3.72
CA TYR A 341 -31.60 31.44 4.08
C TYR A 341 -31.76 30.59 5.35
N LEU A 342 -30.96 29.53 5.47
CA LEU A 342 -30.99 28.64 6.64
C LEU A 342 -30.46 29.30 7.93
N THR A 343 -29.50 30.21 7.80
CA THR A 343 -29.08 31.01 8.93
C THR A 343 -30.25 31.87 9.40
N GLY A 344 -30.97 32.44 8.44
CA GLY A 344 -32.26 33.08 8.70
C GLY A 344 -33.18 32.27 9.57
N VAL A 345 -33.40 31.01 9.24
CA VAL A 345 -34.39 30.21 9.97
C VAL A 345 -33.90 29.89 11.40
N ILE A 346 -32.59 29.74 11.57
CA ILE A 346 -32.02 29.54 12.90
C ILE A 346 -32.33 30.75 13.78
N LEU A 347 -32.13 31.94 13.21
CA LEU A 347 -32.42 33.21 13.89
C LEU A 347 -33.90 33.57 13.95
N GLY A 348 -34.74 32.92 13.15
CA GLY A 348 -36.14 33.22 13.09
C GLY A 348 -36.46 34.47 12.29
N LYS A 349 -35.52 34.98 11.49
CA LYS A 349 -35.77 36.16 10.65
C LYS A 349 -36.27 35.75 9.26
N THR A 350 -37.13 36.60 8.67
CA THR A 350 -37.46 36.54 7.24
C THR A 350 -36.54 37.50 6.50
N LEU A 351 -35.84 36.97 5.51
CA LEU A 351 -34.91 37.75 4.70
C LEU A 351 -35.64 38.27 3.47
N SER A 352 -35.17 39.39 2.93
CA SER A 352 -35.80 39.99 1.76
C SER A 352 -35.44 39.20 0.50
N SER A 353 -36.41 39.10 -0.41
CA SER A 353 -36.22 38.41 -1.69
C SER A 353 -35.06 38.99 -2.48
N GLU A 354 -34.97 40.31 -2.55
CA GLU A 354 -33.93 40.97 -3.38
C GLU A 354 -32.55 40.77 -2.73
N ILE A 355 -31.57 40.33 -3.53
CA ILE A 355 -30.21 40.10 -3.03
C ILE A 355 -29.56 41.46 -2.77
N PRO A 356 -29.04 41.69 -1.55
CA PRO A 356 -28.29 42.92 -1.29
C PRO A 356 -27.06 43.05 -2.16
N ASP A 357 -26.67 44.27 -2.50
CA ASP A 357 -25.38 44.48 -3.17
C ASP A 357 -24.28 44.13 -2.18
N HIS A 358 -23.22 43.48 -2.68
CA HIS A 358 -22.07 43.06 -1.86
C HIS A 358 -20.99 42.61 -2.83
N GLU A 359 -19.80 42.24 -2.31
CA GLU A 359 -18.67 41.79 -3.14
C GLU A 359 -19.07 40.97 -4.37
N PHE A 360 -19.81 39.88 -4.18
CA PHE A 360 -20.13 38.91 -5.26
C PHE A 360 -21.51 39.04 -5.89
N PHE A 361 -22.08 40.24 -5.90
CA PHE A 361 -23.43 40.46 -6.45
C PHE A 361 -23.65 39.84 -7.85
N THR A 362 -22.66 39.93 -8.73
CA THR A 362 -22.85 39.47 -10.14
C THR A 362 -23.06 37.95 -10.30
N ALA A 363 -22.61 37.17 -9.32
CA ALA A 363 -22.85 35.71 -9.31
C ALA A 363 -24.33 35.31 -9.14
N TYR A 364 -25.16 36.24 -8.65
CA TYR A 364 -26.57 35.97 -8.39
C TYR A 364 -27.46 36.32 -9.62
N GLY A 365 -26.85 36.31 -10.81
CA GLY A 365 -27.54 36.61 -12.05
C GLY A 365 -28.19 35.38 -12.62
N PRO A 366 -29.26 35.51 -13.40
CA PRO A 366 -29.78 36.78 -13.90
C PRO A 366 -30.85 37.48 -13.05
N ASP A 367 -31.43 36.80 -12.05
CA ASP A 367 -32.62 37.32 -11.36
C ASP A 367 -32.32 38.07 -10.03
N TYR A 368 -31.14 37.86 -9.45
CA TYR A 368 -30.73 38.60 -8.26
C TYR A 368 -31.73 38.52 -7.07
N VAL A 369 -32.26 37.31 -6.86
CA VAL A 369 -33.11 37.01 -5.72
C VAL A 369 -32.62 35.79 -4.97
N LEU A 370 -33.09 35.66 -3.74
CA LEU A 370 -32.68 34.60 -2.81
C LEU A 370 -33.36 33.26 -3.08
N GLU A 371 -34.59 33.30 -3.58
CA GLU A 371 -35.38 32.10 -3.87
C GLU A 371 -34.79 31.33 -5.04
N ILE A 372 -34.92 30.01 -4.94
CA ILE A 372 -34.43 29.08 -5.96
C ILE A 372 -35.65 28.38 -6.56
N THR A 373 -35.66 28.23 -7.88
CA THR A 373 -36.81 27.66 -8.57
C THR A 373 -36.52 26.20 -8.96
N PRO A 374 -37.43 25.27 -8.59
CA PRO A 374 -37.21 23.91 -9.02
C PRO A 374 -37.07 23.80 -10.54
N SER A 375 -36.18 22.94 -11.02
CA SER A 375 -36.12 22.55 -12.43
C SER A 375 -37.36 21.76 -12.84
N CYS A 376 -37.60 21.68 -14.14
CA CYS A 376 -38.73 20.90 -14.69
C CYS A 376 -38.20 19.56 -15.13
N ARG A 377 -37.93 18.74 -14.13
CA ARG A 377 -37.48 17.38 -14.28
C ARG A 377 -38.49 16.56 -13.50
N PRO A 378 -38.66 15.30 -13.87
CA PRO A 378 -39.70 14.55 -13.17
C PRO A 378 -39.17 13.98 -11.85
N ASP A 379 -40.11 13.78 -10.92
CA ASP A 379 -39.85 13.14 -9.64
C ASP A 379 -39.89 11.62 -9.82
N ARG A 380 -38.73 10.97 -9.87
CA ARG A 380 -38.65 9.53 -10.06
C ARG A 380 -39.03 8.67 -8.83
N ASN A 381 -39.43 9.30 -7.72
CA ASN A 381 -39.72 8.57 -6.50
C ASN A 381 -41.16 8.08 -6.46
N GLU A 382 -41.35 6.79 -6.71
CA GLU A 382 -42.67 6.17 -6.74
C GLU A 382 -43.22 6.04 -5.33
N PRO A 383 -44.46 6.53 -5.07
CA PRO A 383 -44.95 6.63 -3.68
C PRO A 383 -45.09 5.32 -2.92
N HIS A 384 -45.31 4.21 -3.63
CA HIS A 384 -45.34 2.86 -3.02
C HIS A 384 -43.97 2.52 -2.42
N ARG A 385 -42.92 2.68 -3.25
CA ARG A 385 -41.53 2.39 -2.84
C ARG A 385 -41.12 3.24 -1.63
N ILE A 386 -41.57 4.49 -1.58
CA ILE A 386 -41.31 5.38 -0.43
C ILE A 386 -42.03 4.85 0.80
N GLN A 387 -43.28 4.39 0.65
CA GLN A 387 -44.02 3.89 1.82
C GLN A 387 -43.41 2.60 2.41
N GLN A 388 -42.92 1.70 1.55
CA GLN A 388 -42.14 0.52 1.99
C GLN A 388 -40.89 0.92 2.77
N ILE A 389 -40.20 1.96 2.30
CA ILE A 389 -38.99 2.48 2.96
C ILE A 389 -39.31 3.05 4.33
N LEU A 390 -40.35 3.85 4.42
CA LEU A 390 -40.72 4.47 5.70
C LEU A 390 -41.14 3.43 6.73
N ASN A 391 -41.82 2.37 6.29
CA ASN A 391 -42.28 1.31 7.21
C ASN A 391 -41.14 0.44 7.71
N TYR A 392 -40.27 0.01 6.78
CA TYR A 392 -39.04 -0.71 7.12
C TYR A 392 -38.24 -0.01 8.21
N ILE A 393 -38.07 1.30 8.08
CA ILE A 393 -37.37 2.14 9.07
C ILE A 393 -38.15 2.19 10.39
N LYS A 394 -39.47 2.41 10.32
CA LYS A 394 -40.35 2.37 11.50
C LYS A 394 -40.05 1.12 12.35
N GLY A 395 -39.99 -0.02 11.64
CA GLY A 395 -39.76 -1.34 12.23
C GLY A 395 -38.37 -1.50 12.81
N ASN A 396 -37.35 -1.13 12.05
CA ASN A 396 -35.99 -1.05 12.57
C ASN A 396 -35.94 -0.22 13.87
N LEU A 397 -36.62 0.90 13.91
CA LEU A 397 -36.61 1.73 15.12
C LEU A 397 -37.43 1.18 16.29
N LYS A 398 -38.31 0.20 16.03
CA LYS A 398 -38.99 -0.55 17.10
C LYS A 398 -37.95 -1.29 17.92
N HIS A 399 -37.00 -1.94 17.23
CA HIS A 399 -35.94 -2.69 17.89
C HIS A 399 -35.06 -1.85 18.82
N VAL A 400 -34.99 -0.53 18.62
CA VAL A 400 -34.26 0.37 19.53
C VAL A 400 -34.96 0.53 20.88
N VAL A 401 -36.27 0.74 20.86
CA VAL A 401 -37.16 0.74 22.01
C VAL A 401 -37.16 -0.61 22.76
N ILE A 402 -37.59 -1.66 22.05
CA ILE A 402 -37.78 -3.02 22.59
C ILE A 402 -36.48 -3.68 23.13
N GLU A 403 -35.31 -3.18 22.73
CA GLU A 403 -34.01 -3.65 23.25
C GLU A 403 -33.33 -2.62 24.19
N GLY A 404 -34.07 -1.63 24.69
CA GLY A 404 -33.50 -0.61 25.59
C GLY A 404 -33.16 -1.14 26.97
N SER B 37 -28.61 -6.19 -19.30
CA SER B 37 -27.32 -5.85 -18.64
C SER B 37 -26.65 -7.02 -17.89
N LEU B 38 -26.88 -8.22 -18.40
CA LEU B 38 -25.95 -9.34 -18.29
C LEU B 38 -25.39 -9.54 -19.71
N VAL B 39 -25.60 -8.57 -20.61
CA VAL B 39 -24.98 -8.57 -21.96
C VAL B 39 -23.69 -7.74 -21.91
N PRO B 40 -22.58 -8.26 -22.48
CA PRO B 40 -21.31 -7.56 -22.38
C PRO B 40 -21.18 -6.37 -23.34
N VAL B 41 -20.59 -5.28 -22.83
CA VAL B 41 -20.33 -4.08 -23.62
C VAL B 41 -19.11 -4.28 -24.51
N TYR B 42 -19.24 -3.86 -25.77
CA TYR B 42 -18.19 -3.89 -26.78
C TYR B 42 -17.88 -2.46 -27.20
N ILE B 43 -16.73 -1.94 -26.78
CA ILE B 43 -16.37 -0.55 -27.05
C ILE B 43 -15.96 -0.39 -28.51
N TYR B 44 -16.73 0.38 -29.28
CA TYR B 44 -16.51 0.49 -30.71
C TYR B 44 -17.17 1.71 -31.35
N SER B 45 -16.41 2.40 -32.19
CA SER B 45 -16.94 3.28 -33.22
C SER B 45 -16.07 3.10 -34.47
N PRO B 46 -16.58 3.47 -35.66
CA PRO B 46 -15.72 3.38 -36.85
C PRO B 46 -14.57 4.37 -36.86
N GLU B 47 -14.75 5.50 -36.18
CA GLU B 47 -13.70 6.51 -36.06
C GLU B 47 -12.58 5.98 -35.19
N TYR B 48 -12.99 5.46 -34.03
CA TYR B 48 -12.08 4.83 -33.08
C TYR B 48 -11.21 3.74 -33.72
N VAL B 49 -11.81 2.87 -34.54
CA VAL B 49 -11.04 1.86 -35.27
C VAL B 49 -10.07 2.45 -36.28
N SER B 50 -10.54 3.39 -37.10
CA SER B 50 -9.68 4.05 -38.10
C SER B 50 -8.46 4.71 -37.46
N MET B 51 -8.69 5.29 -36.29
CA MET B 51 -7.66 5.96 -35.54
C MET B 51 -6.64 4.95 -35.01
N CYS B 52 -7.13 3.82 -34.52
CA CYS B 52 -6.25 2.74 -34.05
C CYS B 52 -5.60 2.00 -35.19
N ASP B 53 -6.22 1.98 -36.38
CA ASP B 53 -5.64 1.32 -37.57
C ASP B 53 -4.33 1.93 -38.00
N SER B 54 -4.17 3.24 -37.80
CA SER B 54 -2.96 3.95 -38.21
C SER B 54 -1.97 4.03 -37.05
N LEU B 55 -1.72 2.88 -36.42
CA LEU B 55 -0.68 2.73 -35.41
C LEU B 55 0.42 1.94 -36.08
N ALA B 56 1.64 2.43 -35.93
CA ALA B 56 2.81 1.78 -36.52
C ALA B 56 3.02 0.41 -35.89
N LYS B 57 3.48 -0.55 -36.70
CA LYS B 57 3.81 -1.92 -36.29
C LYS B 57 2.60 -2.86 -36.20
N ILE B 58 1.39 -2.31 -36.09
CA ILE B 58 0.14 -3.11 -36.17
C ILE B 58 -0.89 -2.48 -37.13
N PRO B 59 -0.48 -2.19 -38.39
CA PRO B 59 -1.34 -1.47 -39.32
C PRO B 59 -2.61 -2.24 -39.65
N LYS B 60 -3.75 -1.56 -39.53
CA LYS B 60 -5.09 -2.11 -39.79
C LYS B 60 -5.47 -3.31 -38.90
N ARG B 61 -4.85 -3.41 -37.72
CA ARG B 61 -5.12 -4.54 -36.85
C ARG B 61 -6.50 -4.41 -36.22
N ALA B 62 -6.80 -3.21 -35.71
CA ALA B 62 -8.11 -2.91 -35.12
C ALA B 62 -9.24 -3.27 -36.06
N SER B 63 -9.12 -2.83 -37.31
CA SER B 63 -10.08 -3.18 -38.37
C SER B 63 -10.23 -4.68 -38.51
N MET B 64 -9.11 -5.37 -38.68
CA MET B 64 -9.12 -6.83 -38.87
C MET B 64 -9.86 -7.55 -37.75
N VAL B 65 -9.59 -7.12 -36.51
CA VAL B 65 -10.17 -7.71 -35.32
C VAL B 65 -11.67 -7.46 -35.28
N HIS B 66 -12.08 -6.20 -35.43
CA HIS B 66 -13.53 -5.88 -35.46
C HIS B 66 -14.23 -6.55 -36.65
N SER B 67 -13.63 -6.43 -37.81
CA SER B 67 -14.09 -7.07 -39.03
C SER B 67 -14.39 -8.57 -38.86
N LEU B 68 -13.56 -9.29 -38.11
CA LEU B 68 -13.74 -10.72 -37.93
C LEU B 68 -14.78 -11.03 -36.85
N ILE B 69 -14.88 -10.12 -35.87
CA ILE B 69 -15.90 -10.21 -34.82
C ILE B 69 -17.30 -10.05 -35.43
N GLU B 70 -17.43 -8.98 -36.23
CA GLU B 70 -18.64 -8.69 -37.01
C GLU B 70 -19.01 -9.88 -37.91
N ALA B 71 -18.03 -10.44 -38.60
CA ALA B 71 -18.24 -11.55 -39.52
C ALA B 71 -18.71 -12.85 -38.87
N TYR B 72 -18.42 -13.01 -37.58
CA TYR B 72 -18.99 -14.12 -36.83
C TYR B 72 -20.30 -13.69 -36.13
N ALA B 73 -20.76 -12.47 -36.42
CA ALA B 73 -22.02 -11.89 -35.92
C ALA B 73 -22.08 -11.74 -34.41
N LEU B 74 -20.92 -11.64 -33.76
CA LEU B 74 -20.87 -11.60 -32.30
C LEU B 74 -21.27 -10.21 -31.74
N HIS B 75 -21.05 -9.14 -32.51
CA HIS B 75 -21.52 -7.82 -32.13
C HIS B 75 -23.05 -7.72 -31.95
N LYS B 76 -23.79 -8.59 -32.64
CA LYS B 76 -25.25 -8.71 -32.48
C LYS B 76 -25.64 -9.06 -31.06
N GLN B 77 -24.77 -9.80 -30.36
CA GLN B 77 -25.04 -10.26 -28.99
C GLN B 77 -24.33 -9.42 -27.91
N MET B 78 -23.92 -8.19 -28.25
CA MET B 78 -23.21 -7.28 -27.34
C MET B 78 -23.79 -5.88 -27.43
N ARG B 79 -23.68 -5.12 -26.34
CA ARG B 79 -24.08 -3.71 -26.35
C ARG B 79 -22.89 -2.89 -26.85
N ILE B 80 -23.02 -2.36 -28.06
CA ILE B 80 -22.01 -1.55 -28.73
C ILE B 80 -22.04 -0.13 -28.16
N VAL B 81 -20.96 0.31 -27.52
CA VAL B 81 -20.86 1.65 -26.94
C VAL B 81 -19.78 2.44 -27.67
N LYS B 82 -20.11 3.64 -28.17
CA LYS B 82 -19.11 4.54 -28.75
C LYS B 82 -18.21 5.02 -27.60
N PRO B 83 -16.88 4.98 -27.78
CA PRO B 83 -16.00 5.46 -26.73
C PRO B 83 -15.92 6.97 -26.72
N LYS B 84 -15.81 7.55 -25.53
CA LYS B 84 -15.45 8.95 -25.37
C LYS B 84 -13.97 9.13 -25.64
N VAL B 85 -13.58 10.38 -25.82
CA VAL B 85 -12.20 10.76 -25.86
C VAL B 85 -11.84 11.23 -24.45
N ALA B 86 -10.69 10.82 -23.95
CA ALA B 86 -10.25 11.25 -22.64
C ALA B 86 -9.86 12.70 -22.71
N SER B 87 -10.33 13.47 -21.73
CA SER B 87 -9.92 14.85 -21.53
C SER B 87 -8.52 14.90 -20.92
N MET B 88 -7.87 16.05 -21.02
CA MET B 88 -6.57 16.24 -20.39
C MET B 88 -6.62 15.93 -18.89
N GLU B 89 -7.62 16.47 -18.19
CA GLU B 89 -7.86 16.18 -16.77
C GLU B 89 -7.86 14.68 -16.46
N GLU B 90 -8.58 13.91 -17.28
CA GLU B 90 -8.70 12.46 -17.09
C GLU B 90 -7.34 11.76 -17.25
N MET B 91 -6.61 12.12 -18.30
CA MET B 91 -5.28 11.57 -18.55
C MET B 91 -4.27 12.02 -17.51
N ALA B 92 -4.45 13.23 -16.99
CA ALA B 92 -3.61 13.74 -15.91
C ALA B 92 -3.82 13.07 -14.55
N THR B 93 -4.83 12.20 -14.43
CA THR B 93 -5.03 11.42 -13.19
C THR B 93 -3.84 10.50 -12.92
N PHE B 94 -3.13 10.11 -13.98
CA PHE B 94 -1.91 9.29 -13.87
C PHE B 94 -0.68 10.01 -14.41
N HIS B 95 -0.79 10.50 -15.64
CA HIS B 95 0.33 11.13 -16.31
C HIS B 95 0.57 12.56 -15.86
N THR B 96 1.84 12.98 -15.89
CA THR B 96 2.24 14.33 -15.50
C THR B 96 1.84 15.31 -16.60
N ASP B 97 1.53 16.54 -16.20
CA ASP B 97 1.13 17.57 -17.17
C ASP B 97 2.24 17.80 -18.19
N ALA B 98 3.49 17.81 -17.70
CA ALA B 98 4.68 17.97 -18.54
C ALA B 98 4.70 16.98 -19.71
N TYR B 99 4.43 15.71 -19.38
CA TYR B 99 4.48 14.64 -20.37
C TYR B 99 3.38 14.77 -21.41
N LEU B 100 2.14 14.97 -20.93
CA LEU B 100 0.99 15.08 -21.82
C LEU B 100 1.10 16.26 -22.77
N GLN B 101 1.56 17.40 -22.24
CA GLN B 101 1.85 18.59 -23.04
C GLN B 101 2.87 18.33 -24.14
N HIS B 102 3.97 17.64 -23.81
CA HIS B 102 5.00 17.32 -24.81
C HIS B 102 4.45 16.41 -25.88
N LEU B 103 3.76 15.36 -25.44
CA LEU B 103 3.12 14.40 -26.35
C LEU B 103 2.22 15.12 -27.35
N GLN B 104 1.51 16.13 -26.86
CA GLN B 104 0.61 16.96 -27.66
C GLN B 104 1.35 17.75 -28.72
N LYS B 105 2.44 18.41 -28.31
CA LYS B 105 3.27 19.22 -29.22
C LYS B 105 3.79 18.38 -30.34
N VAL B 106 4.47 17.31 -29.96
CA VAL B 106 5.07 16.37 -30.89
C VAL B 106 4.06 15.80 -31.91
N SER B 107 2.82 15.60 -31.48
CA SER B 107 1.73 15.08 -32.33
C SER B 107 1.34 16.01 -33.50
N GLN B 108 1.37 17.32 -33.30
CA GLN B 108 1.01 18.29 -34.36
C GLN B 108 2.12 18.46 -35.41
N GLU B 109 3.34 18.62 -34.91
CA GLU B 109 4.53 18.90 -35.70
C GLU B 109 5.23 17.56 -35.99
N GLY B 110 6.45 17.36 -35.48
CA GLY B 110 7.06 16.03 -35.39
C GLY B 110 8.20 16.02 -34.39
N ASP B 111 9.21 15.20 -34.67
CA ASP B 111 10.38 15.06 -33.81
C ASP B 111 11.46 16.15 -34.04
N ASP B 112 11.50 16.67 -35.27
CA ASP B 112 12.17 17.93 -35.61
C ASP B 112 11.84 19.02 -34.60
N ASP B 113 12.81 19.90 -34.33
CA ASP B 113 12.67 20.99 -33.36
C ASP B 113 12.43 20.52 -31.90
N HIS B 114 12.42 19.18 -31.64
CA HIS B 114 12.30 18.69 -30.27
C HIS B 114 13.32 17.59 -29.99
N PRO B 115 14.51 17.98 -29.48
CA PRO B 115 15.41 17.01 -28.87
C PRO B 115 15.08 16.79 -27.39
N ASP B 116 14.10 17.53 -26.87
CA ASP B 116 13.43 17.25 -25.59
C ASP B 116 12.75 15.84 -25.54
N SER B 117 12.43 15.28 -26.71
CA SER B 117 11.76 13.97 -26.85
C SER B 117 12.38 12.76 -26.13
N ILE B 118 13.71 12.66 -26.06
CA ILE B 118 14.36 11.51 -25.40
C ILE B 118 13.97 11.44 -23.91
N GLU B 119 13.80 12.62 -23.29
CA GLU B 119 13.44 12.71 -21.87
C GLU B 119 12.09 12.08 -21.57
N TYR B 120 11.20 12.09 -22.57
CA TYR B 120 9.81 11.61 -22.42
C TYR B 120 9.58 10.28 -23.13
N GLY B 121 10.67 9.57 -23.45
CA GLY B 121 10.60 8.19 -23.91
C GLY B 121 10.33 8.01 -25.38
N LEU B 122 10.45 9.09 -26.17
CA LEU B 122 10.14 9.01 -27.59
C LEU B 122 11.41 8.82 -28.44
N GLY B 123 11.84 7.57 -28.62
CA GLY B 123 13.03 7.21 -29.45
C GLY B 123 12.65 6.33 -30.63
N TYR B 124 13.47 5.33 -30.95
CA TYR B 124 13.08 4.34 -31.97
C TYR B 124 11.95 3.42 -31.47
N ASP B 125 12.08 2.97 -30.22
CA ASP B 125 11.06 2.17 -29.49
C ASP B 125 9.64 2.78 -29.58
N CYS B 126 9.56 4.10 -29.35
CA CYS B 126 8.32 4.88 -29.49
C CYS B 126 8.51 6.09 -30.43
N PRO B 127 8.11 5.95 -31.72
CA PRO B 127 8.27 7.04 -32.66
C PRO B 127 7.46 8.27 -32.28
N ALA B 128 8.02 9.44 -32.56
CA ALA B 128 7.38 10.69 -32.28
C ALA B 128 6.45 11.11 -33.44
N THR B 129 5.63 10.17 -33.94
CA THR B 129 4.89 10.39 -35.20
C THR B 129 3.69 11.33 -35.01
N GLU B 130 3.20 11.89 -36.13
CA GLU B 130 2.09 12.82 -36.09
C GLU B 130 0.76 12.10 -35.80
N GLY B 131 -0.10 12.77 -35.02
CA GLY B 131 -1.40 12.23 -34.62
C GLY B 131 -1.43 11.43 -33.32
N ILE B 132 -0.28 11.10 -32.76
CA ILE B 132 -0.22 10.13 -31.65
C ILE B 132 -0.91 10.56 -30.35
N PHE B 133 -1.04 11.86 -30.11
CA PHE B 133 -1.77 12.34 -28.91
C PHE B 133 -3.26 12.04 -29.05
N ASP B 134 -3.82 12.15 -30.25
CA ASP B 134 -5.23 11.86 -30.49
C ASP B 134 -5.51 10.35 -30.34
N TYR B 135 -4.59 9.53 -30.81
CA TYR B 135 -4.65 8.07 -30.65
C TYR B 135 -4.63 7.72 -29.15
N ALA B 136 -3.70 8.32 -28.41
CA ALA B 136 -3.63 8.13 -26.97
C ALA B 136 -4.92 8.49 -26.27
N ALA B 137 -5.40 9.70 -26.49
CA ALA B 137 -6.65 10.17 -25.89
C ALA B 137 -7.83 9.26 -26.21
N ALA B 138 -7.89 8.78 -27.45
CA ALA B 138 -8.92 7.85 -27.91
C ALA B 138 -8.87 6.52 -27.15
N ILE B 139 -7.68 5.94 -27.09
CA ILE B 139 -7.48 4.64 -26.47
C ILE B 139 -7.78 4.71 -24.96
N GLY B 140 -7.19 5.71 -24.30
CA GLY B 140 -7.46 5.98 -22.89
C GLY B 140 -8.93 6.26 -22.62
N GLY B 141 -9.58 6.95 -23.56
CA GLY B 141 -11.01 7.18 -23.51
C GLY B 141 -11.84 5.91 -23.54
N ALA B 142 -11.52 5.03 -24.49
CA ALA B 142 -12.23 3.77 -24.64
C ALA B 142 -12.17 2.93 -23.37
N THR B 143 -10.98 2.84 -22.80
CA THR B 143 -10.79 2.09 -21.57
C THR B 143 -11.53 2.77 -20.40
N ILE B 144 -11.51 4.10 -20.35
CA ILE B 144 -12.24 4.83 -19.30
C ILE B 144 -13.76 4.61 -19.44
N THR B 145 -14.26 4.72 -20.67
CA THR B 145 -15.65 4.46 -20.99
C THR B 145 -16.07 3.07 -20.53
N ALA B 146 -15.23 2.08 -20.84
CA ALA B 146 -15.52 0.70 -20.49
C ALA B 146 -15.63 0.52 -18.97
N ALA B 147 -14.74 1.20 -18.25
CA ALA B 147 -14.75 1.17 -16.79
C ALA B 147 -16.01 1.86 -16.26
N GLN B 148 -16.39 2.97 -16.90
CA GLN B 148 -17.64 3.68 -16.57
C GLN B 148 -18.87 2.78 -16.74
N CYS B 149 -18.99 2.12 -17.88
CA CYS B 149 -20.05 1.13 -18.09
C CYS B 149 -20.12 0.11 -16.95
N LEU B 150 -18.97 -0.34 -16.46
CA LEU B 150 -18.94 -1.31 -15.35
C LEU B 150 -19.36 -0.75 -13.98
N ILE B 151 -19.01 0.52 -13.72
CA ILE B 151 -19.42 1.22 -12.49
C ILE B 151 -20.96 1.37 -12.46
N ASP B 152 -21.49 1.89 -13.56
CA ASP B 152 -22.92 2.12 -13.72
C ASP B 152 -23.82 0.87 -13.61
N GLY B 153 -23.25 -0.33 -13.70
CA GLY B 153 -24.04 -1.56 -13.71
C GLY B 153 -24.67 -1.90 -15.07
N MET B 154 -24.28 -1.17 -16.11
CA MET B 154 -24.60 -1.51 -17.52
C MET B 154 -24.27 -2.95 -17.97
N CYS B 155 -23.26 -3.57 -17.32
CA CYS B 155 -22.74 -4.90 -17.70
C CYS B 155 -21.80 -5.46 -16.66
N LYS B 156 -21.50 -6.76 -16.74
CA LYS B 156 -20.47 -7.42 -15.90
C LYS B 156 -19.12 -7.52 -16.64
N VAL B 157 -19.14 -7.35 -17.96
CA VAL B 157 -17.94 -7.44 -18.79
C VAL B 157 -17.93 -6.31 -19.81
N ALA B 158 -16.81 -5.63 -19.95
CA ALA B 158 -16.67 -4.57 -20.94
C ALA B 158 -15.36 -4.76 -21.65
N ILE B 159 -15.40 -4.59 -22.98
CA ILE B 159 -14.30 -4.98 -23.86
C ILE B 159 -13.78 -3.79 -24.65
N ASN B 160 -12.44 -3.64 -24.66
CA ASN B 160 -11.74 -2.67 -25.50
C ASN B 160 -10.46 -3.31 -26.04
N TRP B 161 -10.58 -4.09 -27.11
CA TRP B 161 -9.42 -4.81 -27.69
C TRP B 161 -8.26 -3.91 -28.16
N SER B 162 -8.57 -2.67 -28.55
CA SER B 162 -7.52 -1.71 -28.93
C SER B 162 -6.76 -1.12 -27.75
N GLY B 163 -7.19 -1.40 -26.52
CA GLY B 163 -6.40 -1.02 -25.32
C GLY B 163 -5.37 -2.07 -24.91
N GLY B 164 -4.87 -1.93 -23.69
CA GLY B 164 -3.82 -2.78 -23.12
C GLY B 164 -2.38 -2.24 -23.14
N TRP B 165 -2.21 -0.91 -23.28
CA TRP B 165 -0.87 -0.30 -23.36
CA TRP B 165 -0.88 -0.30 -23.37
C TRP B 165 -0.18 -0.30 -22.00
N HIS B 166 0.24 -1.48 -21.58
CA HIS B 166 0.70 -1.71 -20.22
C HIS B 166 2.05 -1.15 -19.79
N HIS B 167 2.89 -0.73 -20.74
CA HIS B 167 4.25 -0.25 -20.39
C HIS B 167 4.39 1.22 -20.04
N ALA B 168 3.45 2.07 -20.46
CA ALA B 168 3.62 3.52 -20.30
C ALA B 168 3.74 3.91 -18.83
N LYS B 169 4.62 4.88 -18.58
CA LYS B 169 4.92 5.41 -17.26
C LYS B 169 4.29 6.78 -17.13
N LYS B 170 4.23 7.29 -15.90
CA LYS B 170 3.58 8.56 -15.67
C LYS B 170 4.16 9.67 -16.54
N ASP B 171 5.45 9.67 -16.81
CA ASP B 171 6.08 10.75 -17.59
C ASP B 171 6.96 10.26 -18.73
N GLU B 172 6.70 9.06 -19.22
CA GLU B 172 7.58 8.44 -20.18
C GLU B 172 6.81 7.40 -20.98
N ALA B 173 6.84 7.52 -22.30
CA ALA B 173 6.39 6.44 -23.16
C ALA B 173 7.40 5.28 -23.08
N SER B 174 6.96 4.09 -23.44
CA SER B 174 7.78 2.91 -23.31
C SER B 174 7.17 1.76 -24.10
N GLY B 175 7.99 1.05 -24.88
CA GLY B 175 7.53 -0.16 -25.58
C GLY B 175 6.30 0.06 -26.42
N PHE B 176 6.31 1.15 -27.18
CA PHE B 176 5.20 1.54 -28.06
C PHE B 176 3.85 1.80 -27.32
N CYS B 177 3.93 2.10 -26.02
CA CYS B 177 2.80 2.51 -25.22
C CYS B 177 2.99 3.98 -24.84
N TYR B 178 2.12 4.85 -25.38
CA TYR B 178 2.25 6.29 -25.19
C TYR B 178 1.41 6.78 -24.02
N LEU B 179 0.55 5.91 -23.49
CA LEU B 179 -0.39 6.30 -22.45
C LEU B 179 -0.97 5.04 -21.83
N ASN B 180 -0.92 4.92 -20.50
CA ASN B 180 -1.30 3.68 -19.84
C ASN B 180 -2.81 3.65 -19.59
N ASP B 181 -3.54 3.26 -20.62
CA ASP B 181 -4.98 3.16 -20.55
C ASP B 181 -5.42 2.20 -19.44
N ALA B 182 -4.72 1.09 -19.28
CA ALA B 182 -5.06 0.13 -18.22
C ALA B 182 -5.09 0.83 -16.85
N VAL B 183 -4.07 1.64 -16.56
CA VAL B 183 -4.01 2.36 -15.28
C VAL B 183 -5.22 3.30 -15.12
N LEU B 184 -5.57 4.02 -16.19
CA LEU B 184 -6.67 4.98 -16.16
C LEU B 184 -8.00 4.31 -15.86
N GLY B 185 -8.21 3.14 -16.46
CA GLY B 185 -9.39 2.33 -16.21
C GLY B 185 -9.45 1.88 -14.78
N ILE B 186 -8.32 1.41 -14.25
CA ILE B 186 -8.22 0.97 -12.86
C ILE B 186 -8.56 2.10 -11.91
N LEU B 187 -8.03 3.30 -12.17
CA LEU B 187 -8.36 4.49 -11.36
C LEU B 187 -9.84 4.86 -11.46
N ARG B 188 -10.48 4.70 -12.62
CA ARG B 188 -11.91 4.94 -12.75
C ARG B 188 -12.69 3.91 -11.93
N LEU B 189 -12.41 2.63 -12.13
CA LEU B 189 -13.06 1.56 -11.36
C LEU B 189 -12.98 1.75 -9.84
N ARG B 190 -11.87 2.35 -9.38
CA ARG B 190 -11.66 2.58 -7.95
C ARG B 190 -12.74 3.44 -7.28
N ARG B 191 -13.45 4.28 -8.04
CA ARG B 191 -14.62 5.01 -7.53
C ARG B 191 -15.68 4.11 -6.89
N LYS B 192 -16.00 2.97 -7.53
CA LYS B 192 -16.98 2.03 -6.98
C LYS B 192 -16.37 0.81 -6.27
N PHE B 193 -15.24 0.31 -6.76
CA PHE B 193 -14.72 -0.98 -6.28
C PHE B 193 -13.47 -0.75 -5.43
N GLU B 194 -13.46 -1.33 -4.22
CA GLU B 194 -12.45 -1.01 -3.19
C GLU B 194 -11.11 -1.64 -3.54
N ARG B 195 -11.15 -2.95 -3.85
CA ARG B 195 -9.99 -3.70 -4.29
C ARG B 195 -10.17 -4.11 -5.76
N ILE B 196 -9.10 -3.93 -6.55
CA ILE B 196 -9.09 -4.27 -7.99
C ILE B 196 -7.91 -5.16 -8.35
N LEU B 197 -8.18 -6.19 -9.16
CA LEU B 197 -7.14 -7.13 -9.63
C LEU B 197 -6.80 -6.86 -11.09
N TYR B 198 -5.51 -6.66 -11.37
CA TYR B 198 -5.02 -6.54 -12.73
C TYR B 198 -4.33 -7.84 -13.07
N VAL B 199 -4.70 -8.46 -14.18
CA VAL B 199 -4.08 -9.71 -14.67
C VAL B 199 -3.59 -9.49 -16.09
N ASP B 200 -2.30 -9.73 -16.29
CA ASP B 200 -1.61 -9.37 -17.51
C ASP B 200 -1.02 -10.61 -18.20
N LEU B 201 -1.69 -11.10 -19.24
CA LEU B 201 -1.30 -12.33 -19.92
C LEU B 201 -0.56 -12.08 -21.23
N ASP B 202 -0.24 -10.83 -21.50
CA ASP B 202 0.71 -10.47 -22.57
C ASP B 202 2.02 -11.17 -22.30
N LEU B 203 2.75 -11.40 -23.37
CA LEU B 203 4.08 -11.99 -23.32
C LEU B 203 5.00 -11.15 -22.44
N HIS B 204 4.87 -9.82 -22.54
CA HIS B 204 5.71 -8.90 -21.80
C HIS B 204 5.18 -8.62 -20.38
N HIS B 205 6.14 -8.31 -19.49
CA HIS B 205 5.85 -7.90 -18.14
C HIS B 205 5.06 -6.61 -18.15
N GLY B 206 3.91 -6.60 -17.46
CA GLY B 206 3.08 -5.40 -17.36
C GLY B 206 3.66 -4.44 -16.33
N ASP B 207 4.75 -3.80 -16.72
CA ASP B 207 5.60 -3.04 -15.80
C ASP B 207 5.04 -1.67 -15.48
N GLY B 208 4.47 -0.99 -16.48
CA GLY B 208 3.92 0.35 -16.27
C GLY B 208 2.80 0.30 -15.24
N VAL B 209 1.94 -0.70 -15.36
CA VAL B 209 0.78 -0.85 -14.51
C VAL B 209 1.24 -1.26 -13.11
N GLU B 210 2.15 -2.23 -13.02
CA GLU B 210 2.68 -2.67 -11.73
C GLU B 210 3.34 -1.51 -10.98
N ASP B 211 4.18 -0.75 -11.68
CA ASP B 211 4.88 0.40 -11.10
C ASP B 211 3.91 1.43 -10.54
N ALA B 212 2.80 1.66 -11.23
CA ALA B 212 1.84 2.65 -10.81
C ALA B 212 1.16 2.29 -9.49
N PHE B 213 1.06 1.00 -9.19
CA PHE B 213 0.40 0.55 -7.97
C PHE B 213 1.31 -0.26 -7.03
N SER B 214 2.64 -0.18 -7.21
CA SER B 214 3.56 -1.00 -6.41
C SER B 214 3.53 -0.67 -4.93
N PHE B 215 3.17 0.57 -4.59
CA PHE B 215 3.08 1.02 -3.18
C PHE B 215 1.68 0.92 -2.53
N THR B 216 0.73 0.30 -3.22
CA THR B 216 -0.61 0.15 -2.66
C THR B 216 -1.05 -1.32 -2.64
N SER B 217 -1.95 -1.57 -1.70
CA SER B 217 -2.66 -2.84 -1.52
C SER B 217 -4.09 -2.78 -2.02
N LYS B 218 -4.51 -1.62 -2.54
CA LYS B 218 -5.87 -1.48 -3.08
C LYS B 218 -5.98 -2.04 -4.50
N VAL B 219 -4.84 -2.22 -5.17
CA VAL B 219 -4.77 -2.80 -6.52
C VAL B 219 -3.73 -3.89 -6.48
N MET B 220 -4.09 -5.12 -6.87
CA MET B 220 -3.11 -6.20 -7.05
C MET B 220 -2.82 -6.43 -8.53
N THR B 221 -1.53 -6.48 -8.88
CA THR B 221 -1.08 -6.76 -10.24
C THR B 221 -0.51 -8.16 -10.31
N VAL B 222 -0.98 -8.94 -11.29
CA VAL B 222 -0.48 -10.28 -11.59
C VAL B 222 -0.05 -10.29 -13.04
N SER B 223 1.21 -10.61 -13.30
CA SER B 223 1.73 -10.71 -14.68
C SER B 223 2.41 -12.04 -14.92
N LEU B 224 1.98 -12.75 -15.96
CA LEU B 224 2.72 -13.88 -16.52
C LEU B 224 3.45 -13.37 -17.76
N HIS B 225 4.77 -13.63 -17.84
CA HIS B 225 5.57 -13.08 -18.93
C HIS B 225 6.86 -13.86 -19.12
N LYS B 226 7.43 -13.70 -20.31
CA LYS B 226 8.80 -14.08 -20.57
C LYS B 226 9.74 -13.20 -19.74
N PHE B 227 10.69 -13.85 -19.09
CA PHE B 227 11.76 -13.18 -18.34
C PHE B 227 13.08 -13.84 -18.74
N SER B 228 13.89 -13.11 -19.49
CA SER B 228 15.20 -13.59 -19.89
C SER B 228 16.16 -12.42 -20.12
N PRO B 229 17.45 -12.64 -19.82
CA PRO B 229 18.46 -11.65 -20.07
C PRO B 229 18.28 -10.94 -21.41
N GLY B 230 18.09 -9.62 -21.34
CA GLY B 230 17.98 -8.79 -22.55
C GLY B 230 16.58 -8.63 -23.14
N PHE B 231 15.65 -9.49 -22.73
CA PHE B 231 14.25 -9.44 -23.16
C PHE B 231 13.46 -8.34 -22.43
N PHE B 232 12.77 -7.53 -23.23
CA PHE B 232 12.06 -6.34 -22.76
C PHE B 232 10.89 -6.68 -21.82
N PRO B 233 10.60 -5.83 -20.82
CA PRO B 233 11.37 -4.66 -20.43
C PRO B 233 12.47 -4.94 -19.38
N GLY B 234 12.89 -6.20 -19.19
CA GLY B 234 13.92 -6.51 -18.23
C GLY B 234 13.44 -6.74 -16.81
N THR B 235 12.19 -6.37 -16.51
CA THR B 235 11.67 -6.40 -15.13
C THR B 235 10.76 -7.61 -14.95
N GLY B 236 10.31 -7.82 -13.72
CA GLY B 236 9.27 -8.78 -13.41
C GLY B 236 9.73 -10.18 -13.06
N ASP B 237 10.84 -10.29 -12.32
CA ASP B 237 11.23 -11.60 -11.77
C ASP B 237 10.28 -11.92 -10.62
N VAL B 238 10.25 -13.17 -10.17
CA VAL B 238 9.29 -13.62 -9.15
C VAL B 238 9.42 -12.87 -7.82
N SER B 239 10.66 -12.46 -7.51
CA SER B 239 10.98 -11.69 -6.31
C SER B 239 10.50 -10.23 -6.35
N ASP B 240 10.01 -9.78 -7.50
CA ASP B 240 9.26 -8.53 -7.60
C ASP B 240 7.90 -8.74 -6.93
N VAL B 241 7.75 -8.14 -5.76
CA VAL B 241 6.57 -8.34 -4.90
C VAL B 241 5.86 -7.05 -4.48
N GLY B 242 6.44 -5.90 -4.83
CA GLY B 242 5.91 -4.61 -4.41
C GLY B 242 6.66 -4.07 -3.19
N LEU B 243 6.27 -2.86 -2.82
CA LEU B 243 6.98 -2.06 -1.85
C LEU B 243 6.05 -1.36 -0.87
N GLY B 244 6.57 -1.06 0.32
CA GLY B 244 5.83 -0.36 1.36
C GLY B 244 4.55 -1.10 1.68
N LYS B 245 3.43 -0.37 1.61
CA LYS B 245 2.13 -0.95 1.90
C LYS B 245 1.69 -1.97 0.86
N GLY B 246 2.21 -1.86 -0.37
CA GLY B 246 1.97 -2.85 -1.43
C GLY B 246 2.90 -4.05 -1.57
N ARG B 247 3.73 -4.30 -0.56
CA ARG B 247 4.54 -5.53 -0.52
C ARG B 247 3.62 -6.74 -0.47
N TYR B 248 3.90 -7.71 -1.34
CA TYR B 248 3.04 -8.89 -1.63
C TYR B 248 1.78 -8.61 -2.48
N TYR B 249 1.58 -7.37 -2.92
CA TYR B 249 0.44 -7.00 -3.77
C TYR B 249 0.92 -6.67 -5.22
N SER B 250 2.10 -7.19 -5.57
CA SER B 250 2.54 -7.45 -6.94
C SER B 250 2.90 -8.95 -7.05
N VAL B 251 2.37 -9.61 -8.10
CA VAL B 251 2.75 -11.00 -8.43
C VAL B 251 3.37 -11.03 -9.83
N ASN B 252 4.46 -11.78 -9.94
CA ASN B 252 5.16 -11.94 -11.20
C ASN B 252 5.57 -13.39 -11.38
N VAL B 253 5.14 -13.99 -12.48
CA VAL B 253 5.47 -15.36 -12.87
C VAL B 253 6.41 -15.33 -14.10
N PRO B 254 7.73 -15.49 -13.88
CA PRO B 254 8.64 -15.53 -15.04
C PRO B 254 8.59 -16.91 -15.72
N ILE B 255 8.36 -16.92 -17.03
CA ILE B 255 8.18 -18.13 -17.82
C ILE B 255 9.16 -18.08 -19.00
N GLN B 256 9.74 -19.23 -19.33
CA GLN B 256 10.68 -19.33 -20.47
C GLN B 256 9.96 -19.76 -21.74
N ASP B 257 10.64 -19.57 -22.86
CA ASP B 257 10.17 -19.93 -24.21
C ASP B 257 9.52 -21.28 -24.36
N GLY B 258 8.52 -21.31 -25.25
CA GLY B 258 7.97 -22.56 -25.74
C GLY B 258 6.89 -23.20 -24.91
N ILE B 259 6.36 -22.45 -23.96
CA ILE B 259 5.24 -22.93 -23.14
C ILE B 259 3.98 -23.10 -24.01
N GLN B 260 3.20 -24.12 -23.69
CA GLN B 260 1.98 -24.44 -24.43
C GLN B 260 0.77 -24.37 -23.50
N ASP B 261 -0.41 -24.43 -24.11
CA ASP B 261 -1.67 -24.27 -23.41
C ASP B 261 -1.78 -25.03 -22.07
N GLU B 262 -1.46 -26.32 -22.06
CA GLU B 262 -1.72 -27.13 -20.86
C GLU B 262 -0.95 -26.57 -19.66
N LYS B 263 0.35 -26.37 -19.85
CA LYS B 263 1.24 -25.94 -18.77
C LYS B 263 0.92 -24.50 -18.27
N TYR B 264 0.73 -23.59 -19.21
CA TYR B 264 0.36 -22.20 -18.91
C TYR B 264 -0.91 -22.13 -18.07
N TYR B 265 -1.93 -22.90 -18.42
CA TYR B 265 -3.17 -22.86 -17.65
C TYR B 265 -3.00 -23.42 -16.23
N GLN B 266 -2.21 -24.50 -16.10
CA GLN B 266 -1.86 -25.04 -14.77
C GLN B 266 -1.26 -23.93 -13.92
N ILE B 267 -0.25 -23.25 -14.49
CA ILE B 267 0.40 -22.11 -13.83
C ILE B 267 -0.59 -20.98 -13.53
N CYS B 268 -1.41 -20.64 -14.51
CA CYS B 268 -2.34 -19.52 -14.37
C CYS B 268 -3.42 -19.80 -13.33
N GLU B 269 -3.97 -21.01 -13.36
CA GLU B 269 -5.08 -21.37 -12.47
C GLU B 269 -4.60 -21.50 -11.03
N SER B 270 -3.47 -22.18 -10.87
CA SER B 270 -2.71 -22.24 -9.62
C SER B 270 -2.57 -20.85 -8.94
N VAL B 271 -1.96 -19.90 -9.64
CA VAL B 271 -1.76 -18.52 -9.14
C VAL B 271 -3.06 -17.77 -8.88
N LEU B 272 -4.01 -17.82 -9.82
CA LEU B 272 -5.28 -17.09 -9.66
C LEU B 272 -6.16 -17.64 -8.57
N LYS B 273 -6.06 -18.94 -8.30
CA LYS B 273 -6.78 -19.56 -7.18
C LYS B 273 -6.30 -18.89 -5.90
N GLU B 274 -4.98 -18.88 -5.69
CA GLU B 274 -4.36 -18.30 -4.48
C GLU B 274 -4.72 -16.81 -4.33
N VAL B 275 -4.71 -16.08 -5.45
CA VAL B 275 -4.99 -14.63 -5.45
C VAL B 275 -6.45 -14.35 -5.06
N TYR B 276 -7.38 -15.09 -5.65
CA TYR B 276 -8.80 -14.89 -5.36
C TYR B 276 -9.10 -15.08 -3.88
N GLN B 277 -8.52 -16.14 -3.30
CA GLN B 277 -8.69 -16.42 -1.86
C GLN B 277 -8.12 -15.31 -0.98
N ALA B 278 -6.88 -14.94 -1.24
CA ALA B 278 -6.17 -13.92 -0.45
C ALA B 278 -6.75 -12.52 -0.61
N PHE B 279 -6.82 -12.06 -1.85
CA PHE B 279 -7.08 -10.66 -2.16
C PHE B 279 -8.57 -10.34 -2.21
N ASN B 280 -9.42 -11.34 -2.44
CA ASN B 280 -10.86 -11.16 -2.62
C ASN B 280 -11.22 -9.89 -3.43
N PRO B 281 -10.86 -9.84 -4.70
CA PRO B 281 -11.12 -8.64 -5.50
C PRO B 281 -12.58 -8.39 -5.77
N LYS B 282 -12.93 -7.12 -5.97
CA LYS B 282 -14.31 -6.72 -6.31
C LYS B 282 -14.50 -6.33 -7.80
N ALA B 283 -13.40 -6.14 -8.52
CA ALA B 283 -13.41 -5.94 -9.96
C ALA B 283 -12.08 -6.43 -10.57
N VAL B 284 -12.08 -6.66 -11.88
CA VAL B 284 -10.91 -7.21 -12.59
C VAL B 284 -10.61 -6.49 -13.90
N VAL B 285 -9.36 -6.15 -14.13
CA VAL B 285 -8.91 -5.65 -15.43
C VAL B 285 -7.93 -6.66 -15.98
N LEU B 286 -8.20 -7.11 -17.20
CA LEU B 286 -7.54 -8.28 -17.79
C LEU B 286 -6.95 -7.97 -19.16
N GLN B 287 -5.62 -8.00 -19.25
CA GLN B 287 -4.89 -7.66 -20.47
C GLN B 287 -4.56 -8.96 -21.15
N LEU B 288 -4.97 -9.10 -22.42
CA LEU B 288 -4.86 -10.38 -23.14
C LEU B 288 -4.07 -10.25 -24.44
N GLY B 289 -2.99 -9.48 -24.40
CA GLY B 289 -2.04 -9.46 -25.50
C GLY B 289 -1.77 -10.83 -26.11
N ALA B 290 -1.90 -10.89 -27.44
CA ALA B 290 -1.79 -12.13 -28.19
C ALA B 290 -0.40 -12.38 -28.75
N ASP B 291 0.60 -11.61 -28.34
CA ASP B 291 2.00 -11.94 -28.64
C ASP B 291 2.55 -13.19 -27.95
N THR B 292 1.74 -13.86 -27.16
CA THR B 292 2.06 -15.20 -26.67
C THR B 292 1.72 -16.29 -27.67
N ILE B 293 1.00 -15.94 -28.74
CA ILE B 293 0.36 -16.96 -29.57
C ILE B 293 1.36 -17.51 -30.58
N ALA B 294 1.29 -18.81 -30.83
CA ALA B 294 2.14 -19.43 -31.84
C ALA B 294 2.09 -18.67 -33.16
N GLY B 295 3.25 -18.54 -33.79
CA GLY B 295 3.39 -17.81 -35.04
C GLY B 295 3.53 -16.32 -34.88
N ASP B 296 3.69 -15.82 -33.65
CA ASP B 296 3.94 -14.40 -33.50
C ASP B 296 5.40 -14.17 -33.85
N PRO B 297 5.72 -13.01 -34.47
CA PRO B 297 7.10 -12.55 -34.62
C PRO B 297 7.98 -12.65 -33.34
N MET B 298 7.43 -12.28 -32.17
CA MET B 298 8.18 -12.40 -30.89
C MET B 298 8.72 -13.82 -30.69
N CYS B 299 7.99 -14.78 -31.24
CA CYS B 299 8.48 -16.14 -31.37
C CYS B 299 9.01 -16.71 -30.05
N SER B 300 8.29 -16.54 -28.96
CA SER B 300 8.76 -16.96 -27.63
C SER B 300 7.86 -18.02 -26.99
N PHE B 301 6.59 -17.70 -26.73
CA PHE B 301 5.69 -18.69 -26.16
C PHE B 301 5.05 -19.44 -27.30
N ASN B 302 4.43 -20.58 -26.99
CA ASN B 302 3.80 -21.45 -27.98
C ASN B 302 2.32 -21.73 -27.65
N MET B 303 1.59 -20.64 -27.39
CA MET B 303 0.21 -20.74 -26.94
C MET B 303 -0.75 -20.72 -28.10
N THR B 304 -1.95 -21.21 -27.85
CA THR B 304 -3.08 -21.05 -28.78
C THR B 304 -4.19 -20.33 -28.02
N PRO B 305 -5.16 -19.76 -28.75
CA PRO B 305 -6.24 -19.06 -28.07
C PRO B 305 -7.08 -19.93 -27.12
N VAL B 306 -7.14 -21.23 -27.39
CA VAL B 306 -7.84 -22.15 -26.47
C VAL B 306 -7.29 -22.01 -25.05
N GLY B 307 -5.96 -22.12 -24.92
CA GLY B 307 -5.26 -22.00 -23.64
C GLY B 307 -5.55 -20.70 -22.92
N ILE B 308 -5.48 -19.58 -23.63
CA ILE B 308 -5.78 -18.29 -23.01
C ILE B 308 -7.26 -18.26 -22.61
N GLY B 309 -8.11 -18.82 -23.46
CA GLY B 309 -9.54 -18.96 -23.16
C GLY B 309 -9.83 -19.63 -21.84
N LYS B 310 -9.07 -20.67 -21.51
CA LYS B 310 -9.25 -21.34 -20.24
C LYS B 310 -9.00 -20.39 -19.09
N CYS B 311 -7.90 -19.63 -19.17
CA CYS B 311 -7.59 -18.59 -18.18
C CYS B 311 -8.71 -17.54 -18.08
N LEU B 312 -9.26 -17.16 -19.23
CA LEU B 312 -10.35 -16.19 -19.30
C LEU B 312 -11.60 -16.72 -18.64
N LYS B 313 -11.99 -17.95 -19.01
CA LYS B 313 -13.12 -18.68 -18.40
C LYS B 313 -12.98 -18.72 -16.90
N TYR B 314 -11.80 -19.10 -16.43
CA TYR B 314 -11.54 -19.17 -15.00
C TYR B 314 -11.75 -17.82 -14.26
N ILE B 315 -11.43 -16.71 -14.91
CA ILE B 315 -11.72 -15.37 -14.37
C ILE B 315 -13.21 -15.00 -14.44
N LEU B 316 -13.85 -15.39 -15.54
CA LEU B 316 -15.29 -15.12 -15.73
C LEU B 316 -16.20 -15.82 -14.73
N GLN B 317 -15.89 -17.08 -14.39
CA GLN B 317 -16.66 -17.84 -13.36
C GLN B 317 -16.75 -17.08 -12.01
N TRP B 318 -15.80 -16.20 -11.71
CA TRP B 318 -15.88 -15.33 -10.53
C TRP B 318 -17.06 -14.36 -10.54
N GLN B 319 -17.66 -14.12 -11.70
CA GLN B 319 -18.85 -13.28 -11.82
C GLN B 319 -18.60 -11.85 -11.34
N LEU B 320 -17.35 -11.39 -11.38
CA LEU B 320 -17.03 -10.00 -11.02
C LEU B 320 -17.11 -9.09 -12.22
N ALA B 321 -17.14 -7.78 -11.93
CA ALA B 321 -17.05 -6.75 -12.96
C ALA B 321 -15.69 -6.93 -13.63
N THR B 322 -15.67 -7.04 -14.96
CA THR B 322 -14.43 -7.38 -15.67
C THR B 322 -14.22 -6.51 -16.92
N LEU B 323 -13.09 -5.80 -16.94
CA LEU B 323 -12.64 -4.97 -18.08
C LEU B 323 -11.62 -5.75 -18.90
N ILE B 324 -11.94 -5.99 -20.17
CA ILE B 324 -11.12 -6.80 -21.05
C ILE B 324 -10.36 -5.87 -21.99
N LEU B 325 -9.05 -6.07 -22.09
CA LEU B 325 -8.15 -5.29 -22.92
C LEU B 325 -7.32 -6.20 -23.80
N GLY B 326 -6.85 -5.63 -24.91
CA GLY B 326 -5.94 -6.30 -25.82
C GLY B 326 -4.50 -6.07 -25.37
N GLY B 327 -3.68 -5.59 -26.30
CA GLY B 327 -2.27 -5.33 -26.05
C GLY B 327 -1.39 -5.67 -27.24
N GLY B 328 -0.32 -6.42 -26.99
CA GLY B 328 0.54 -6.88 -28.04
C GLY B 328 -0.16 -7.91 -28.89
N GLY B 329 0.44 -8.20 -30.02
CA GLY B 329 -0.06 -9.22 -30.96
C GLY B 329 0.33 -8.76 -32.34
N TYR B 330 1.39 -9.35 -32.88
CA TYR B 330 2.05 -8.81 -34.07
C TYR B 330 1.96 -9.71 -35.32
N ASN B 331 1.49 -10.94 -35.18
CA ASN B 331 0.89 -11.66 -36.32
C ASN B 331 -0.60 -11.27 -36.33
N LEU B 332 -0.96 -10.35 -37.21
CA LEU B 332 -2.25 -9.66 -37.12
C LEU B 332 -3.47 -10.56 -37.30
N ALA B 333 -3.40 -11.48 -38.27
CA ALA B 333 -4.47 -12.46 -38.46
C ALA B 333 -4.63 -13.36 -37.23
N ASN B 334 -3.53 -13.93 -36.77
CA ASN B 334 -3.54 -14.72 -35.52
C ASN B 334 -4.09 -13.91 -34.32
N THR B 335 -3.71 -12.63 -34.22
CA THR B 335 -4.23 -11.75 -33.18
C THR B 335 -5.75 -11.54 -33.28
N ALA B 336 -6.27 -11.44 -34.51
CA ALA B 336 -7.72 -11.39 -34.74
C ALA B 336 -8.41 -12.72 -34.49
N ARG B 337 -7.81 -13.82 -34.93
CA ARG B 337 -8.33 -15.15 -34.60
C ARG B 337 -8.47 -15.28 -33.09
N CYS B 338 -7.42 -14.86 -32.36
CA CYS B 338 -7.40 -15.02 -30.92
C CYS B 338 -8.49 -14.22 -30.26
N TRP B 339 -8.45 -12.92 -30.48
CA TRP B 339 -9.40 -12.03 -29.83
C TRP B 339 -10.85 -12.27 -30.23
N THR B 340 -11.08 -12.76 -31.44
CA THR B 340 -12.41 -13.17 -31.85
C THR B 340 -12.82 -14.41 -31.05
N TYR B 341 -12.00 -15.44 -31.09
CA TYR B 341 -12.27 -16.65 -30.30
C TYR B 341 -12.60 -16.35 -28.84
N LEU B 342 -11.84 -15.42 -28.24
CA LEU B 342 -12.04 -15.00 -26.84
C LEU B 342 -13.34 -14.24 -26.62
N THR B 343 -13.78 -13.46 -27.61
CA THR B 343 -15.09 -12.83 -27.57
C THR B 343 -16.16 -13.91 -27.53
N GLY B 344 -15.97 -14.94 -28.34
CA GLY B 344 -16.77 -16.16 -28.27
C GLY B 344 -16.95 -16.69 -26.86
N VAL B 345 -15.84 -16.84 -26.14
CA VAL B 345 -15.87 -17.42 -24.79
C VAL B 345 -16.65 -16.54 -23.80
N ILE B 346 -16.50 -15.23 -23.96
CA ILE B 346 -17.20 -14.27 -23.12
C ILE B 346 -18.70 -14.46 -23.28
N LEU B 347 -19.13 -14.58 -24.55
CA LEU B 347 -20.53 -14.81 -24.91
C LEU B 347 -21.02 -16.23 -24.70
N GLY B 348 -20.11 -17.18 -24.53
CA GLY B 348 -20.50 -18.57 -24.40
C GLY B 348 -20.88 -19.23 -25.72
N LYS B 349 -20.55 -18.61 -26.85
CA LYS B 349 -20.83 -19.20 -28.18
C LYS B 349 -19.66 -20.06 -28.66
N THR B 350 -19.97 -21.09 -29.44
CA THR B 350 -18.98 -21.91 -30.15
C THR B 350 -18.91 -21.37 -31.58
N LEU B 351 -17.72 -20.96 -32.00
CA LEU B 351 -17.53 -20.43 -33.34
C LEU B 351 -17.12 -21.55 -34.27
N SER B 352 -17.46 -21.41 -35.54
CA SER B 352 -17.14 -22.42 -36.53
C SER B 352 -15.66 -22.32 -36.91
N SER B 353 -15.05 -23.48 -37.16
CA SER B 353 -13.68 -23.57 -37.65
C SER B 353 -13.44 -22.75 -38.90
N GLU B 354 -14.34 -22.85 -39.87
CA GLU B 354 -14.17 -22.16 -41.16
C GLU B 354 -14.33 -20.64 -40.98
N ILE B 355 -13.37 -19.88 -41.50
CA ILE B 355 -13.38 -18.41 -41.38
C ILE B 355 -14.46 -17.89 -42.33
N PRO B 356 -15.40 -17.07 -41.81
CA PRO B 356 -16.39 -16.42 -42.69
C PRO B 356 -15.74 -15.50 -43.70
N ASP B 357 -16.36 -15.35 -44.86
CA ASP B 357 -15.91 -14.34 -45.82
C ASP B 357 -16.15 -12.95 -45.20
N HIS B 358 -15.21 -12.04 -45.40
CA HIS B 358 -15.30 -10.66 -44.89
C HIS B 358 -14.18 -9.86 -45.56
N GLU B 359 -14.10 -8.55 -45.29
CA GLU B 359 -13.08 -7.67 -45.88
C GLU B 359 -11.70 -8.32 -46.04
N PHE B 360 -11.14 -8.85 -44.94
CA PHE B 360 -9.74 -9.36 -44.92
C PHE B 360 -9.61 -10.88 -45.02
N PHE B 361 -10.54 -11.56 -45.69
CA PHE B 361 -10.51 -13.03 -45.80
C PHE B 361 -9.14 -13.58 -46.26
N THR B 362 -8.46 -12.90 -47.18
CA THR B 362 -7.20 -13.43 -47.76
C THR B 362 -6.02 -13.49 -46.77
N ALA B 363 -6.08 -12.70 -45.70
CA ALA B 363 -5.08 -12.78 -44.61
C ALA B 363 -5.08 -14.10 -43.84
N TYR B 364 -6.19 -14.83 -43.90
CA TYR B 364 -6.36 -16.08 -43.16
C TYR B 364 -5.92 -17.31 -43.99
N GLY B 365 -5.06 -17.06 -45.00
CA GLY B 365 -4.57 -18.10 -45.89
C GLY B 365 -3.33 -18.74 -45.30
N PRO B 366 -3.03 -19.99 -45.66
CA PRO B 366 -3.73 -20.73 -46.74
C PRO B 366 -4.90 -21.60 -46.31
N ASP B 367 -5.10 -21.84 -45.01
CA ASP B 367 -6.10 -22.83 -44.56
C ASP B 367 -7.47 -22.25 -44.17
N TYR B 368 -7.56 -20.94 -43.95
CA TYR B 368 -8.85 -20.27 -43.71
C TYR B 368 -9.64 -20.85 -42.53
N VAL B 369 -8.95 -21.13 -41.44
CA VAL B 369 -9.58 -21.58 -40.20
C VAL B 369 -9.16 -20.74 -39.01
N LEU B 370 -9.98 -20.83 -37.96
CA LEU B 370 -9.83 -20.06 -36.73
C LEU B 370 -8.77 -20.59 -35.79
N GLU B 371 -8.59 -21.92 -35.80
CA GLU B 371 -7.64 -22.58 -34.90
C GLU B 371 -6.20 -22.28 -35.31
N ILE B 372 -5.35 -22.18 -34.30
CA ILE B 372 -3.94 -21.90 -34.46
C ILE B 372 -3.18 -23.14 -33.96
N THR B 373 -2.14 -23.52 -34.71
CA THR B 373 -1.39 -24.72 -34.41
C THR B 373 -0.07 -24.38 -33.73
N PRO B 374 0.22 -25.01 -32.58
CA PRO B 374 1.52 -24.75 -31.96
C PRO B 374 2.69 -25.04 -32.91
N SER B 375 3.72 -24.22 -32.88
CA SER B 375 5.00 -24.51 -33.54
C SER B 375 5.69 -25.72 -32.88
N CYS B 376 6.64 -26.31 -33.61
CA CYS B 376 7.44 -27.43 -33.11
C CYS B 376 8.76 -26.88 -32.61
N ARG B 377 8.68 -26.26 -31.44
CA ARG B 377 9.81 -25.74 -30.72
C ARG B 377 9.73 -26.40 -29.34
N PRO B 378 10.84 -26.49 -28.63
CA PRO B 378 10.74 -27.17 -27.35
C PRO B 378 10.27 -26.23 -26.24
N ASP B 379 9.65 -26.83 -25.23
CA ASP B 379 9.24 -26.13 -24.01
C ASP B 379 10.42 -26.03 -23.04
N ARG B 380 11.05 -24.86 -22.97
CA ARG B 380 12.23 -24.66 -22.11
C ARG B 380 11.91 -24.55 -20.60
N ASN B 381 10.65 -24.69 -20.19
CA ASN B 381 10.27 -24.54 -18.79
C ASN B 381 10.42 -25.83 -18.02
N GLU B 382 11.47 -25.89 -17.21
CA GLU B 382 11.79 -27.09 -16.43
C GLU B 382 10.82 -27.21 -15.24
N PRO B 383 10.17 -28.38 -15.06
CA PRO B 383 9.03 -28.46 -14.11
C PRO B 383 9.36 -28.18 -12.65
N HIS B 384 10.61 -28.48 -12.23
CA HIS B 384 11.08 -28.16 -10.88
C HIS B 384 11.10 -26.65 -10.67
N ARG B 385 11.72 -25.93 -11.60
CA ARG B 385 11.82 -24.46 -11.54
C ARG B 385 10.44 -23.80 -11.46
N ILE B 386 9.47 -24.36 -12.18
CA ILE B 386 8.09 -23.88 -12.13
C ILE B 386 7.49 -24.15 -10.76
N GLN B 387 7.74 -25.32 -10.19
CA GLN B 387 7.17 -25.65 -8.88
C GLN B 387 7.72 -24.76 -7.75
N GLN B 388 9.02 -24.43 -7.79
CA GLN B 388 9.59 -23.45 -6.85
C GLN B 388 8.97 -22.05 -7.00
N ILE B 389 8.66 -21.66 -8.24
CA ILE B 389 7.99 -20.38 -8.52
C ILE B 389 6.56 -20.37 -7.95
N LEU B 390 5.81 -21.43 -8.18
CA LEU B 390 4.45 -21.50 -7.69
C LEU B 390 4.37 -21.49 -6.18
N ASN B 391 5.34 -22.15 -5.51
CA ASN B 391 5.38 -22.22 -4.04
C ASN B 391 5.75 -20.88 -3.41
N TYR B 392 6.81 -20.27 -3.93
CA TYR B 392 7.20 -18.91 -3.55
C TYR B 392 6.02 -17.92 -3.56
N ILE B 393 5.24 -17.96 -4.63
CA ILE B 393 4.02 -17.14 -4.78
C ILE B 393 2.94 -17.53 -3.76
N LYS B 394 2.70 -18.83 -3.61
CA LYS B 394 1.77 -19.36 -2.57
C LYS B 394 2.06 -18.69 -1.22
N GLY B 395 3.36 -18.68 -0.87
CA GLY B 395 3.86 -18.14 0.39
C GLY B 395 3.71 -16.65 0.51
N ASN B 396 4.12 -15.92 -0.53
CA ASN B 396 3.85 -14.50 -0.61
C ASN B 396 2.36 -14.20 -0.38
N LEU B 397 1.48 -14.98 -0.98
CA LEU B 397 0.04 -14.72 -0.83
C LEU B 397 -0.52 -15.13 0.54
N LYS B 398 0.22 -15.92 1.32
CA LYS B 398 -0.13 -16.19 2.72
C LYS B 398 -0.10 -14.89 3.50
N HIS B 399 0.93 -14.09 3.27
CA HIS B 399 1.10 -12.81 3.97
C HIS B 399 -0.06 -11.83 3.72
N VAL B 400 -0.79 -11.97 2.61
CA VAL B 400 -1.96 -11.13 2.33
C VAL B 400 -3.16 -11.46 3.24
N VAL B 401 -3.37 -10.56 4.21
CA VAL B 401 -4.50 -10.58 5.17
C VAL B 401 -5.60 -9.60 4.70
N ILE B 402 -6.88 -9.96 4.89
CA ILE B 402 -8.04 -9.14 4.45
C ILE B 402 -9.07 -8.96 5.57
N LEU C 38 17.83 -0.81 32.05
CA LEU C 38 16.52 -0.58 31.33
C LEU C 38 16.76 -0.17 29.85
N VAL C 39 17.64 0.82 29.65
CA VAL C 39 17.99 1.31 28.30
C VAL C 39 19.27 0.62 27.82
N PRO C 40 19.29 0.14 26.56
CA PRO C 40 20.45 -0.60 26.07
C PRO C 40 21.65 0.29 25.71
N VAL C 41 22.85 -0.19 26.07
CA VAL C 41 24.11 0.47 25.71
C VAL C 41 24.46 0.21 24.24
N TYR C 42 24.85 1.28 23.53
CA TYR C 42 25.32 1.23 22.15
C TYR C 42 26.78 1.67 22.10
N ILE C 43 27.69 0.72 21.85
CA ILE C 43 29.12 1.03 21.89
C ILE C 43 29.52 1.78 20.62
N TYR C 44 29.98 3.03 20.76
CA TYR C 44 30.28 3.88 19.61
C TYR C 44 31.18 5.07 19.93
N SER C 45 32.16 5.30 19.06
CA SER C 45 32.82 6.59 18.90
C SER C 45 33.09 6.79 17.42
N PRO C 46 33.30 8.05 16.96
CA PRO C 46 33.60 8.24 15.54
C PRO C 46 34.96 7.67 15.12
N GLU C 47 35.91 7.63 16.07
CA GLU C 47 37.24 7.07 15.81
C GLU C 47 37.13 5.58 15.62
N TYR C 48 36.42 4.95 16.56
CA TYR C 48 36.13 3.51 16.51
C TYR C 48 35.52 3.07 15.18
N VAL C 49 34.55 3.83 14.68
CA VAL C 49 33.95 3.53 13.38
C VAL C 49 34.95 3.69 12.22
N SER C 50 35.67 4.80 12.19
CA SER C 50 36.67 5.06 11.13
C SER C 50 37.73 3.94 11.07
N MET C 51 38.09 3.46 12.25
CA MET C 51 39.06 2.39 12.38
C MET C 51 38.50 1.09 11.83
N CYS C 52 37.24 0.81 12.15
CA CYS C 52 36.55 -0.37 11.64
C CYS C 52 36.19 -0.26 10.16
N ASP C 53 36.03 0.98 9.66
CA ASP C 53 35.71 1.21 8.25
C ASP C 53 36.79 0.72 7.30
N SER C 54 38.03 0.81 7.75
CA SER C 54 39.17 0.39 6.93
C SER C 54 39.53 -1.09 7.18
N LEU C 55 38.52 -1.95 7.15
CA LEU C 55 38.68 -3.39 7.21
C LEU C 55 38.44 -3.91 5.82
N ALA C 56 39.33 -4.77 5.36
CA ALA C 56 39.27 -5.37 4.04
C ALA C 56 38.04 -6.27 3.94
N LYS C 57 37.41 -6.27 2.76
CA LYS C 57 36.24 -7.11 2.43
C LYS C 57 34.90 -6.50 2.90
N ILE C 58 34.93 -5.59 3.88
CA ILE C 58 33.72 -4.88 4.33
C ILE C 58 33.96 -3.36 4.46
N PRO C 59 34.48 -2.72 3.39
CA PRO C 59 34.88 -1.31 3.47
C PRO C 59 33.72 -0.37 3.76
N LYS C 60 33.90 0.48 4.78
CA LYS C 60 32.91 1.46 5.23
C LYS C 60 31.59 0.84 5.74
N ARG C 61 31.65 -0.42 6.19
CA ARG C 61 30.45 -1.09 6.64
C ARG C 61 30.02 -0.52 7.98
N ALA C 62 30.97 -0.38 8.90
CA ALA C 62 30.70 0.19 10.22
C ALA C 62 29.99 1.54 10.11
N SER C 63 30.53 2.42 9.26
CA SER C 63 29.91 3.72 8.98
C SER C 63 28.49 3.56 8.51
N MET C 64 28.29 2.74 7.48
CA MET C 64 26.96 2.53 6.90
C MET C 64 25.93 2.09 7.94
N VAL C 65 26.35 1.17 8.80
CA VAL C 65 25.50 0.62 9.85
C VAL C 65 25.15 1.69 10.87
N HIS C 66 26.15 2.38 11.41
CA HIS C 66 25.91 3.47 12.37
C HIS C 66 25.09 4.61 11.72
N SER C 67 25.52 5.02 10.54
CA SER C 67 24.85 6.02 9.75
C SER C 67 23.35 5.76 9.57
N LEU C 68 22.95 4.50 9.38
CA LEU C 68 21.55 4.17 9.18
C LEU C 68 20.80 4.06 10.51
N ILE C 69 21.51 3.67 11.56
CA ILE C 69 20.96 3.64 12.92
C ILE C 69 20.62 5.06 13.38
N GLU C 70 21.59 5.96 13.22
CA GLU C 70 21.44 7.39 13.50
C GLU C 70 20.27 7.97 12.70
N ALA C 71 20.20 7.63 11.41
CA ALA C 71 19.15 8.14 10.52
C ALA C 71 17.74 7.69 10.88
N TYR C 72 17.61 6.57 11.59
CA TYR C 72 16.34 6.17 12.15
C TYR C 72 16.17 6.69 13.59
N ALA C 73 17.13 7.52 14.04
CA ALA C 73 17.14 8.17 15.36
C ALA C 73 17.15 7.21 16.54
N LEU C 74 17.67 6.00 16.34
CA LEU C 74 17.63 4.98 17.38
C LEU C 74 18.68 5.21 18.47
N HIS C 75 19.80 5.84 18.12
CA HIS C 75 20.82 6.24 19.11
C HIS C 75 20.28 7.16 20.20
N LYS C 76 19.25 7.95 19.88
CA LYS C 76 18.55 8.81 20.85
C LYS C 76 17.98 8.00 22.02
N GLN C 77 17.59 6.75 21.77
CA GLN C 77 16.96 5.89 22.78
C GLN C 77 17.93 4.86 23.40
N MET C 78 19.25 5.11 23.27
CA MET C 78 20.30 4.23 23.79
C MET C 78 21.36 5.03 24.52
N ARG C 79 22.03 4.38 25.48
CA ARG C 79 23.17 4.99 26.15
C ARG C 79 24.42 4.75 25.31
N ILE C 80 24.93 5.82 24.70
CA ILE C 80 26.10 5.77 23.83
C ILE C 80 27.37 5.75 24.69
N VAL C 81 28.15 4.68 24.62
CA VAL C 81 29.39 4.55 25.40
C VAL C 81 30.57 4.51 24.45
N LYS C 82 31.57 5.38 24.65
CA LYS C 82 32.82 5.32 23.89
C LYS C 82 33.56 4.04 24.32
N PRO C 83 34.07 3.27 23.34
CA PRO C 83 34.77 2.06 23.72
C PRO C 83 36.20 2.35 24.13
N LYS C 84 36.70 1.60 25.11
CA LYS C 84 38.12 1.59 25.43
C LYS C 84 38.87 0.81 24.36
N VAL C 85 40.18 0.96 24.36
CA VAL C 85 41.06 0.10 23.59
C VAL C 85 41.56 -0.97 24.55
N ALA C 86 41.57 -2.21 24.10
CA ALA C 86 42.06 -3.30 24.92
C ALA C 86 43.56 -3.17 25.09
N SER C 87 44.01 -3.31 26.34
CA SER C 87 45.41 -3.38 26.67
C SER C 87 45.96 -4.76 26.29
N MET C 88 47.28 -4.85 26.20
CA MET C 88 47.92 -6.13 25.93
C MET C 88 47.49 -7.19 26.95
N GLU C 89 47.55 -6.85 28.23
CA GLU C 89 47.08 -7.72 29.33
C GLU C 89 45.69 -8.29 29.09
N GLU C 90 44.77 -7.43 28.69
CA GLU C 90 43.37 -7.82 28.44
C GLU C 90 43.27 -8.83 27.29
N MET C 91 43.95 -8.54 26.19
CA MET C 91 43.98 -9.44 25.03
C MET C 91 44.72 -10.73 25.33
N ALA C 92 45.73 -10.66 26.19
CA ALA C 92 46.45 -11.84 26.63
C ALA C 92 45.66 -12.77 27.55
N THR C 93 44.46 -12.37 27.98
CA THR C 93 43.58 -13.25 28.77
C THR C 93 43.19 -14.50 27.97
N PHE C 94 43.17 -14.38 26.65
CA PHE C 94 42.90 -15.51 25.75
C PHE C 94 44.05 -15.81 24.82
N HIS C 95 44.54 -14.79 24.13
CA HIS C 95 45.60 -14.95 23.16
C HIS C 95 46.98 -15.06 23.78
N THR C 96 47.85 -15.84 23.13
CA THR C 96 49.22 -16.05 23.59
C THR C 96 50.03 -14.79 23.31
N ASP C 97 51.04 -14.53 24.14
CA ASP C 97 51.90 -13.36 23.97
C ASP C 97 52.59 -13.40 22.60
N ALA C 98 53.04 -14.61 22.22
CA ALA C 98 53.68 -14.85 20.91
C ALA C 98 52.83 -14.33 19.76
N TYR C 99 51.54 -14.67 19.79
CA TYR C 99 50.61 -14.29 18.73
C TYR C 99 50.37 -12.79 18.69
N LEU C 100 50.09 -12.18 19.83
CA LEU C 100 49.83 -10.73 19.92
C LEU C 100 51.03 -9.90 19.44
N GLN C 101 52.22 -10.32 19.86
CA GLN C 101 53.47 -9.74 19.38
C GLN C 101 53.64 -9.82 17.85
N HIS C 102 53.37 -10.99 17.27
CA HIS C 102 53.44 -11.19 15.81
C HIS C 102 52.43 -10.30 15.10
N LEU C 103 51.20 -10.30 15.59
CA LEU C 103 50.12 -9.46 15.05
C LEU C 103 50.57 -8.00 14.99
N GLN C 104 51.27 -7.59 16.03
CA GLN C 104 51.79 -6.23 16.14
C GLN C 104 52.86 -5.93 15.09
N LYS C 105 53.81 -6.85 14.93
CA LYS C 105 54.89 -6.75 13.94
C LYS C 105 54.32 -6.61 12.54
N VAL C 106 53.49 -7.58 12.18
CA VAL C 106 52.83 -7.63 10.88
C VAL C 106 52.04 -6.35 10.54
N SER C 107 51.44 -5.74 11.57
CA SER C 107 50.68 -4.50 11.43
C SER C 107 51.49 -3.28 10.97
N GLN C 108 52.74 -3.16 11.40
CA GLN C 108 53.62 -2.04 11.00
C GLN C 108 54.08 -2.06 9.54
N GLU C 109 54.15 -3.22 8.87
CA GLU C 109 54.20 -3.24 7.39
C GLU C 109 53.42 -4.36 6.73
N TYR C 120 52.05 -18.63 11.78
CA TYR C 120 51.01 -18.24 12.72
C TYR C 120 49.60 -18.32 12.11
N GLY C 121 49.47 -19.06 11.01
CA GLY C 121 48.19 -19.26 10.34
C GLY C 121 47.67 -18.11 9.49
N LEU C 122 48.59 -17.24 9.08
CA LEU C 122 48.31 -16.20 8.08
C LEU C 122 48.64 -16.70 6.63
N GLY C 123 47.61 -17.27 6.01
CA GLY C 123 47.68 -17.89 4.67
C GLY C 123 46.66 -17.24 3.75
N TYR C 124 45.93 -18.05 2.96
CA TYR C 124 44.86 -17.51 2.10
C TYR C 124 43.68 -16.98 2.93
N ASP C 125 43.27 -17.74 3.96
CA ASP C 125 42.19 -17.34 4.89
C ASP C 125 42.42 -15.92 5.47
N CYS C 126 43.64 -15.68 5.95
CA CYS C 126 44.08 -14.40 6.49
C CYS C 126 45.36 -13.88 5.81
N PRO C 127 45.22 -12.91 4.89
CA PRO C 127 46.34 -11.99 4.62
C PRO C 127 46.70 -11.10 5.83
N ALA C 128 47.74 -10.29 5.66
CA ALA C 128 48.53 -9.74 6.77
C ALA C 128 48.60 -8.20 6.69
N THR C 129 47.45 -7.53 6.61
CA THR C 129 47.40 -6.12 6.18
C THR C 129 47.83 -5.12 7.26
N GLU C 130 48.23 -3.93 6.84
CA GLU C 130 48.82 -2.94 7.77
C GLU C 130 47.73 -2.28 8.61
N GLY C 131 48.04 -1.99 9.86
CA GLY C 131 47.12 -1.34 10.82
C GLY C 131 46.31 -2.30 11.68
N ILE C 132 46.35 -3.61 11.33
CA ILE C 132 45.41 -4.58 11.86
C ILE C 132 45.50 -4.82 13.36
N PHE C 133 46.65 -4.59 13.99
CA PHE C 133 46.77 -4.71 15.45
C PHE C 133 45.90 -3.67 16.19
N ASP C 134 45.86 -2.45 15.65
CA ASP C 134 45.08 -1.38 16.26
C ASP C 134 43.59 -1.63 16.11
N TYR C 135 43.20 -2.17 14.95
CA TYR C 135 41.81 -2.57 14.67
C TYR C 135 41.39 -3.66 15.66
N ALA C 136 42.24 -4.67 15.82
CA ALA C 136 42.00 -5.74 16.77
C ALA C 136 41.79 -5.23 18.18
N ALA C 137 42.76 -4.46 18.67
CA ALA C 137 42.68 -3.89 20.01
C ALA C 137 41.40 -3.05 20.23
N ALA C 138 41.02 -2.31 19.20
CA ALA C 138 39.80 -1.49 19.22
C ALA C 138 38.54 -2.35 19.34
N ILE C 139 38.45 -3.36 18.48
CA ILE C 139 37.29 -4.24 18.42
C ILE C 139 37.15 -5.03 19.74
N GLY C 140 38.25 -5.65 20.15
CA GLY C 140 38.32 -6.34 21.43
C GLY C 140 38.00 -5.44 22.62
N GLY C 141 38.43 -4.18 22.53
CA GLY C 141 38.08 -3.17 23.51
C GLY C 141 36.59 -2.90 23.60
N ALA C 142 35.97 -2.68 22.45
CA ALA C 142 34.55 -2.40 22.39
C ALA C 142 33.71 -3.53 23.01
N THR C 143 34.06 -4.75 22.67
CA THR C 143 33.38 -5.91 23.23
C THR C 143 33.64 -6.03 24.74
N ILE C 144 34.87 -5.75 25.17
CA ILE C 144 35.20 -5.77 26.60
C ILE C 144 34.42 -4.70 27.37
N THR C 145 34.40 -3.50 26.81
CA THR C 145 33.63 -2.38 27.35
C THR C 145 32.17 -2.76 27.52
N ALA C 146 31.60 -3.36 26.49
CA ALA C 146 30.19 -3.74 26.51
C ALA C 146 29.90 -4.74 27.61
N ALA C 147 30.82 -5.69 27.79
CA ALA C 147 30.70 -6.69 28.87
C ALA C 147 30.83 -6.02 30.23
N GLN C 148 31.73 -5.04 30.34
CA GLN C 148 31.89 -4.24 31.56
C GLN C 148 30.60 -3.50 31.92
N CYS C 149 30.00 -2.80 30.96
CA CYS C 149 28.70 -2.18 31.17
C CYS C 149 27.68 -3.17 31.74
N LEU C 150 27.69 -4.40 31.25
CA LEU C 150 26.75 -5.44 31.74
C LEU C 150 27.04 -5.95 33.16
N ILE C 151 28.32 -6.05 33.53
CA ILE C 151 28.75 -6.42 34.89
C ILE C 151 28.30 -5.36 35.90
N ASP C 152 28.60 -4.11 35.58
CA ASP C 152 28.25 -2.95 36.42
C ASP C 152 26.75 -2.75 36.67
N GLY C 153 25.87 -3.40 35.91
CA GLY C 153 24.43 -3.17 36.02
C GLY C 153 23.93 -1.93 35.29
N MET C 154 24.81 -1.28 34.52
CA MET C 154 24.46 -0.15 33.63
C MET C 154 23.31 -0.43 32.63
N CYS C 155 23.09 -1.69 32.26
CA CYS C 155 22.08 -2.09 31.26
C CYS C 155 21.88 -3.61 31.28
N LYS C 156 20.79 -4.07 30.64
CA LYS C 156 20.57 -5.53 30.42
C LYS C 156 21.04 -5.97 29.04
N VAL C 157 21.26 -5.02 28.14
CA VAL C 157 21.68 -5.29 26.76
C VAL C 157 22.77 -4.32 26.32
N ALA C 158 23.83 -4.83 25.71
CA ALA C 158 24.93 -3.97 25.24
C ALA C 158 25.33 -4.41 23.86
N ILE C 159 25.55 -3.43 22.98
CA ILE C 159 25.67 -3.68 21.54
C ILE C 159 27.02 -3.22 20.99
N ASN C 160 27.66 -4.08 20.20
CA ASN C 160 28.87 -3.75 19.46
C ASN C 160 28.81 -4.44 18.08
N TRP C 161 28.14 -3.80 17.13
CA TRP C 161 27.95 -4.42 15.79
C TRP C 161 29.26 -4.69 15.02
N SER C 162 30.31 -3.92 15.29
CA SER C 162 31.61 -4.16 14.65
C SER C 162 32.36 -5.35 15.23
N GLY C 163 31.88 -5.94 16.32
CA GLY C 163 32.43 -7.20 16.82
C GLY C 163 31.82 -8.45 16.18
N GLY C 164 32.07 -9.59 16.82
CA GLY C 164 31.64 -10.90 16.34
C GLY C 164 32.67 -11.77 15.65
N TRP C 165 33.97 -11.49 15.85
CA TRP C 165 35.06 -12.20 15.16
C TRP C 165 35.23 -13.61 15.74
N HIS C 166 34.27 -14.47 15.44
CA HIS C 166 34.14 -15.77 16.08
C HIS C 166 35.14 -16.86 15.74
N HIS C 167 35.93 -16.71 14.67
CA HIS C 167 36.86 -17.75 14.23
C HIS C 167 38.25 -17.74 14.87
N ALA C 168 38.70 -16.60 15.41
CA ALA C 168 40.08 -16.49 15.88
C ALA C 168 40.40 -17.46 17.02
N LYS C 169 41.61 -18.00 16.98
CA LYS C 169 42.12 -18.98 17.95
C LYS C 169 43.14 -18.28 18.85
N LYS C 170 43.52 -18.94 19.93
CA LYS C 170 44.42 -18.33 20.90
C LYS C 170 45.73 -17.86 20.25
N ASP C 171 46.24 -18.59 19.27
CA ASP C 171 47.52 -18.24 18.64
C ASP C 171 47.49 -18.20 17.14
N GLU C 172 46.31 -18.00 16.56
CA GLU C 172 46.15 -18.13 15.13
C GLU C 172 44.95 -17.32 14.69
N ALA C 173 45.14 -16.42 13.73
CA ALA C 173 44.01 -15.80 13.06
C ALA C 173 43.33 -16.85 12.17
N SER C 174 42.07 -16.60 11.82
CA SER C 174 41.31 -17.52 11.00
C SER C 174 40.09 -16.84 10.42
N GLY C 175 39.82 -17.06 9.13
CA GLY C 175 38.59 -16.55 8.51
C GLY C 175 38.40 -15.06 8.70
N PHE C 176 39.49 -14.31 8.50
CA PHE C 176 39.49 -12.86 8.66
C PHE C 176 39.10 -12.34 10.07
N CYS C 177 39.29 -13.20 11.07
CA CYS C 177 39.17 -12.85 12.48
C CYS C 177 40.57 -12.89 13.10
N TYR C 178 41.07 -11.70 13.47
CA TYR C 178 42.43 -11.56 13.98
C TYR C 178 42.50 -11.62 15.49
N LEU C 179 41.34 -11.60 16.14
CA LEU C 179 41.27 -11.53 17.59
C LEU C 179 39.85 -11.88 17.99
N ASN C 180 39.67 -12.84 18.89
CA ASN C 180 38.34 -13.33 19.24
C ASN C 180 37.71 -12.47 20.32
N ASP C 181 37.12 -11.35 19.87
CA ASP C 181 36.49 -10.41 20.78
C ASP C 181 35.38 -11.08 21.55
N ALA C 182 34.60 -11.94 20.92
CA ALA C 182 33.53 -12.66 21.61
C ALA C 182 34.07 -13.39 22.86
N VAL C 183 35.18 -14.10 22.70
CA VAL C 183 35.77 -14.85 23.82
C VAL C 183 36.19 -13.88 24.94
N LEU C 184 36.78 -12.75 24.58
CA LEU C 184 37.25 -11.76 25.57
C LEU C 184 36.10 -11.21 26.40
N GLY C 185 34.98 -10.94 25.73
CA GLY C 185 33.77 -10.50 26.40
C GLY C 185 33.25 -11.55 27.36
N ILE C 186 33.21 -12.78 26.90
CA ILE C 186 32.78 -13.92 27.71
C ILE C 186 33.63 -14.06 28.97
N LEU C 187 34.95 -13.94 28.82
CA LEU C 187 35.86 -13.98 29.97
C LEU C 187 35.65 -12.80 30.93
N ARG C 188 35.31 -11.62 30.41
CA ARG C 188 34.98 -10.48 31.26
C ARG C 188 33.68 -10.75 32.04
N LEU C 189 32.64 -11.14 31.33
CA LEU C 189 31.36 -11.49 31.97
C LEU C 189 31.49 -12.54 33.08
N ARG C 190 32.45 -13.45 32.92
CA ARG C 190 32.67 -14.52 33.90
C ARG C 190 33.02 -14.03 35.32
N ARG C 191 33.54 -12.81 35.45
CA ARG C 191 33.74 -12.18 36.76
C ARG C 191 32.47 -12.11 37.61
N LYS C 192 31.33 -11.75 36.99
CA LYS C 192 30.04 -11.68 37.71
C LYS C 192 29.13 -12.89 37.49
N PHE C 193 29.13 -13.46 36.29
CA PHE C 193 28.13 -14.47 35.93
C PHE C 193 28.79 -15.85 35.84
N GLU C 194 28.24 -16.84 36.55
CA GLU C 194 28.88 -18.15 36.76
C GLU C 194 28.82 -18.99 35.49
N ARG C 195 27.62 -19.09 34.92
CA ARG C 195 27.38 -19.76 33.66
C ARG C 195 27.00 -18.73 32.58
N ILE C 196 27.61 -18.88 31.39
CA ILE C 196 27.36 -17.99 30.23
C ILE C 196 27.00 -18.78 28.97
N LEU C 197 26.00 -18.29 28.24
CA LEU C 197 25.57 -18.89 26.98
C LEU C 197 26.03 -18.07 25.77
N TYR C 198 26.71 -18.73 24.84
CA TYR C 198 27.09 -18.10 23.57
C TYR C 198 26.16 -18.66 22.51
N VAL C 199 25.52 -17.77 21.75
CA VAL C 199 24.63 -18.18 20.65
C VAL C 199 25.08 -17.49 19.36
N ASP C 200 25.35 -18.32 18.35
CA ASP C 200 26.00 -17.85 17.14
C ASP C 200 25.13 -18.11 15.90
N LEU C 201 24.49 -17.05 15.42
CA LEU C 201 23.54 -17.12 14.31
C LEU C 201 24.12 -16.68 12.97
N ASP C 202 25.42 -16.42 12.94
CA ASP C 202 26.19 -16.28 11.70
C ASP C 202 26.02 -17.55 10.90
N LEU C 203 26.15 -17.39 9.58
CA LEU C 203 26.10 -18.50 8.65
C LEU C 203 27.17 -19.53 8.98
N HIS C 204 28.35 -19.05 9.37
CA HIS C 204 29.47 -19.92 9.69
C HIS C 204 29.45 -20.44 11.12
N HIS C 205 30.05 -21.63 11.27
CA HIS C 205 30.24 -22.26 12.57
C HIS C 205 31.13 -21.38 13.43
N GLY C 206 30.66 -21.04 14.65
CA GLY C 206 31.44 -20.26 15.59
C GLY C 206 32.49 -21.11 16.27
N ASP C 207 33.53 -21.45 15.51
CA ASP C 207 34.51 -22.48 15.88
C ASP C 207 35.53 -21.97 16.88
N GLY C 208 35.99 -20.74 16.72
CA GLY C 208 36.99 -20.17 17.62
C GLY C 208 36.48 -20.10 19.02
N VAL C 209 35.23 -19.66 19.16
CA VAL C 209 34.60 -19.49 20.46
C VAL C 209 34.33 -20.85 21.05
N GLU C 210 33.78 -21.77 20.27
CA GLU C 210 33.53 -23.14 20.74
C GLU C 210 34.80 -23.81 21.25
N ASP C 211 35.86 -23.71 20.44
CA ASP C 211 37.18 -24.30 20.77
C ASP C 211 37.72 -23.76 22.07
N ALA C 212 37.54 -22.47 22.32
CA ALA C 212 38.06 -21.84 23.52
C ALA C 212 37.40 -22.35 24.80
N PHE C 213 36.17 -22.83 24.68
CA PHE C 213 35.43 -23.32 25.84
C PHE C 213 35.00 -24.79 25.71
N SER C 214 35.61 -25.55 24.80
CA SER C 214 35.18 -26.93 24.55
C SER C 214 35.40 -27.83 25.75
N PHE C 215 36.39 -27.51 26.59
CA PHE C 215 36.70 -28.29 27.80
C PHE C 215 36.05 -27.81 29.09
N THR C 216 35.14 -26.85 29.01
CA THR C 216 34.44 -26.36 30.20
C THR C 216 32.93 -26.45 30.05
N SER C 217 32.30 -26.53 31.22
CA SER C 217 30.85 -26.49 31.41
C SER C 217 30.37 -25.14 31.94
N LYS C 218 31.30 -24.21 32.17
CA LYS C 218 30.94 -22.88 32.65
C LYS C 218 30.44 -21.96 31.52
N VAL C 219 30.75 -22.33 30.27
CA VAL C 219 30.29 -21.59 29.09
C VAL C 219 29.68 -22.61 28.13
N MET C 220 28.42 -22.40 27.72
CA MET C 220 27.80 -23.21 26.66
C MET C 220 27.79 -22.48 25.33
N THR C 221 28.26 -23.14 24.27
CA THR C 221 28.25 -22.57 22.92
C THR C 221 27.19 -23.26 22.08
N VAL C 222 26.34 -22.46 21.43
CA VAL C 222 25.31 -22.93 20.52
C VAL C 222 25.52 -22.23 19.19
N SER C 223 25.74 -22.99 18.12
CA SER C 223 25.90 -22.43 16.77
C SER C 223 24.93 -23.08 15.79
N LEU C 224 24.16 -22.25 15.08
CA LEU C 224 23.44 -22.66 13.88
C LEU C 224 24.25 -22.19 12.67
N HIS C 225 24.52 -23.10 11.74
CA HIS C 225 25.38 -22.79 10.59
C HIS C 225 25.18 -23.74 9.45
N LYS C 226 25.60 -23.28 8.27
CA LYS C 226 25.77 -24.15 7.13
C LYS C 226 26.89 -25.17 7.43
N PHE C 227 26.61 -26.44 7.13
CA PHE C 227 27.59 -27.51 7.21
C PHE C 227 27.51 -28.32 5.91
N SER C 228 28.54 -28.19 5.08
CA SER C 228 28.67 -29.00 3.88
C SER C 228 30.13 -29.18 3.50
N PRO C 229 30.46 -30.38 2.96
CA PRO C 229 31.81 -30.66 2.51
C PRO C 229 32.47 -29.48 1.81
N GLY C 230 33.56 -29.00 2.38
CA GLY C 230 34.36 -27.91 1.78
C GLY C 230 33.96 -26.51 2.18
N PHE C 231 32.79 -26.34 2.79
CA PHE C 231 32.32 -25.05 3.31
C PHE C 231 32.99 -24.71 4.65
N PHE C 232 33.51 -23.49 4.72
CA PHE C 232 34.32 -23.01 5.85
C PHE C 232 33.51 -22.94 7.17
N PRO C 233 34.12 -23.21 8.33
CA PRO C 233 35.48 -23.73 8.49
C PRO C 233 35.60 -25.27 8.47
N GLY C 234 34.59 -25.99 7.98
CA GLY C 234 34.64 -27.44 7.93
C GLY C 234 34.12 -28.11 9.19
N THR C 235 33.98 -27.37 10.28
CA THR C 235 33.68 -27.95 11.59
C THR C 235 32.21 -27.73 11.93
N GLY C 236 31.79 -28.31 13.05
CA GLY C 236 30.48 -28.04 13.63
C GLY C 236 29.35 -28.95 13.18
N ASP C 237 29.63 -30.24 13.02
CA ASP C 237 28.55 -31.21 12.79
C ASP C 237 27.83 -31.41 14.12
N VAL C 238 26.64 -32.00 14.09
CA VAL C 238 25.82 -32.16 15.29
C VAL C 238 26.50 -33.01 16.41
N SER C 239 27.34 -33.95 15.97
CA SER C 239 28.15 -34.79 16.85
C SER C 239 29.31 -34.07 17.57
N ASP C 240 29.58 -32.83 17.18
CA ASP C 240 30.43 -31.92 17.93
C ASP C 240 29.69 -31.50 19.20
N VAL C 241 30.13 -32.05 20.32
CA VAL C 241 29.47 -31.87 21.62
C VAL C 241 30.38 -31.34 22.74
N GLY C 242 31.68 -31.21 22.46
CA GLY C 242 32.65 -30.82 23.47
C GLY C 242 33.39 -32.00 24.04
N LEU C 243 34.35 -31.69 24.91
CA LEU C 243 35.33 -32.65 25.40
C LEU C 243 35.58 -32.51 26.89
N GLY C 244 36.02 -33.60 27.52
CA GLY C 244 36.29 -33.66 28.95
C GLY C 244 35.10 -33.17 29.76
N LYS C 245 35.34 -32.18 30.63
CA LYS C 245 34.29 -31.64 31.48
C LYS C 245 33.22 -30.88 30.68
N GLY C 246 33.58 -30.37 29.51
CA GLY C 246 32.63 -29.70 28.60
C GLY C 246 31.89 -30.56 27.57
N ARG C 247 31.95 -31.88 27.70
CA ARG C 247 31.12 -32.77 26.87
C ARG C 247 29.63 -32.49 27.12
N TYR C 248 28.88 -32.31 26.03
CA TYR C 248 27.48 -31.85 26.02
C TYR C 248 27.27 -30.33 26.27
N TYR C 249 28.36 -29.58 26.43
CA TYR C 249 28.30 -28.12 26.62
C TYR C 249 28.83 -27.36 25.38
N SER C 250 28.82 -28.07 24.24
CA SER C 250 28.83 -27.48 22.89
C SER C 250 27.60 -28.01 22.13
N VAL C 251 26.84 -27.11 21.50
CA VAL C 251 25.72 -27.48 20.62
C VAL C 251 25.96 -26.97 19.20
N ASN C 252 25.70 -27.83 18.23
CA ASN C 252 25.89 -27.49 16.83
C ASN C 252 24.72 -28.02 16.02
N VAL C 253 24.06 -27.10 15.29
CA VAL C 253 22.92 -27.40 14.42
C VAL C 253 23.35 -27.23 12.96
N PRO C 254 23.67 -28.33 12.25
CA PRO C 254 24.07 -28.16 10.85
C PRO C 254 22.83 -28.01 9.95
N ILE C 255 22.82 -26.95 9.14
CA ILE C 255 21.67 -26.57 8.32
C ILE C 255 22.13 -26.43 6.88
N GLN C 256 21.30 -26.91 5.94
CA GLN C 256 21.61 -26.82 4.51
C GLN C 256 21.00 -25.55 3.89
N ASP C 257 21.52 -25.22 2.70
CA ASP C 257 21.10 -24.06 1.91
C ASP C 257 19.59 -23.82 1.81
N GLY C 258 19.25 -22.55 1.74
CA GLY C 258 17.91 -22.12 1.35
C GLY C 258 16.85 -22.07 2.43
N ILE C 259 17.29 -22.17 3.68
CA ILE C 259 16.39 -22.05 4.82
C ILE C 259 15.82 -20.62 4.92
N GLN C 260 14.57 -20.53 5.32
CA GLN C 260 13.84 -19.26 5.44
C GLN C 260 13.40 -18.99 6.86
N ASP C 261 12.95 -17.78 7.11
CA ASP C 261 12.57 -17.32 8.45
C ASP C 261 11.79 -18.33 9.30
N GLU C 262 10.69 -18.84 8.76
CA GLU C 262 9.77 -19.66 9.56
C GLU C 262 10.48 -20.88 10.10
N LYS C 263 11.15 -21.63 9.23
CA LYS C 263 11.81 -22.89 9.59
C LYS C 263 12.99 -22.69 10.54
N TYR C 264 13.84 -21.70 10.24
CA TYR C 264 14.97 -21.34 11.10
C TYR C 264 14.52 -21.01 12.52
N TYR C 265 13.46 -20.23 12.67
CA TYR C 265 12.99 -19.88 14.01
C TYR C 265 12.45 -21.10 14.77
N GLN C 266 11.73 -21.97 14.07
CA GLN C 266 11.27 -23.25 14.66
C GLN C 266 12.46 -24.01 15.22
N ILE C 267 13.48 -24.17 14.40
CA ILE C 267 14.73 -24.82 14.79
C ILE C 267 15.41 -24.08 15.94
N CYS C 268 15.49 -22.76 15.84
CA CYS C 268 16.18 -21.95 16.85
C CYS C 268 15.46 -22.00 18.18
N GLU C 269 14.15 -21.86 18.17
CA GLU C 269 13.36 -21.79 19.41
C GLU C 269 13.33 -23.14 20.10
N SER C 270 13.10 -24.19 19.32
CA SER C 270 13.24 -25.58 19.74
C SER C 270 14.55 -25.83 20.54
N VAL C 271 15.70 -25.56 19.93
CA VAL C 271 17.02 -25.73 20.56
C VAL C 271 17.24 -24.82 21.79
N LEU C 272 16.90 -23.54 21.67
CA LEU C 272 17.11 -22.60 22.77
C LEU C 272 16.21 -22.88 23.97
N LYS C 273 15.02 -23.43 23.73
CA LYS C 273 14.13 -23.85 24.81
C LYS C 273 14.86 -24.91 25.65
N GLU C 274 15.35 -25.96 24.98
CA GLU C 274 16.06 -27.07 25.65
C GLU C 274 17.29 -26.58 26.41
N VAL C 275 18.04 -25.66 25.81
CA VAL C 275 19.26 -25.13 26.40
C VAL C 275 18.97 -24.32 27.67
N TYR C 276 17.96 -23.45 27.60
CA TYR C 276 17.61 -22.60 28.75
C TYR C 276 17.22 -23.44 29.96
N GLN C 277 16.44 -24.50 29.72
CA GLN C 277 16.04 -25.43 30.79
C GLN C 277 17.23 -26.15 31.41
N ALA C 278 18.06 -26.75 30.55
CA ALA C 278 19.22 -27.54 31.00
C ALA C 278 20.32 -26.70 31.66
N PHE C 279 20.78 -25.69 30.94
CA PHE C 279 21.97 -24.92 31.31
C PHE C 279 21.69 -23.79 32.30
N ASN C 280 20.46 -23.31 32.34
CA ASN C 280 20.07 -22.15 33.16
C ASN C 280 21.14 -21.03 33.20
N PRO C 281 21.40 -20.39 32.06
CA PRO C 281 22.45 -19.38 32.00
C PRO C 281 22.12 -18.12 32.78
N LYS C 282 23.16 -17.41 33.21
CA LYS C 282 23.02 -16.13 33.90
C LYS C 282 23.37 -14.90 33.04
N ALA C 283 24.04 -15.12 31.90
CA ALA C 283 24.31 -14.07 30.92
C ALA C 283 24.44 -14.67 29.50
N VAL C 284 24.30 -13.83 28.48
CA VAL C 284 24.26 -14.30 27.08
C VAL C 284 25.12 -13.42 26.15
N VAL C 285 25.91 -14.06 25.30
CA VAL C 285 26.61 -13.34 24.22
C VAL C 285 26.07 -13.89 22.91
N LEU C 286 25.60 -12.97 22.06
CA LEU C 286 24.82 -13.32 20.88
C LEU C 286 25.40 -12.70 19.60
N GLN C 287 25.88 -13.58 18.72
CA GLN C 287 26.55 -13.17 17.49
C GLN C 287 25.51 -13.23 16.38
N LEU C 288 25.31 -12.13 15.66
CA LEU C 288 24.22 -12.01 14.68
C LEU C 288 24.72 -11.65 13.28
N GLY C 289 25.84 -12.26 12.89
CA GLY C 289 26.29 -12.17 11.51
C GLY C 289 25.17 -12.28 10.48
N ALA C 290 25.15 -11.30 9.56
CA ALA C 290 24.09 -11.15 8.58
C ALA C 290 24.41 -11.80 7.23
N ASP C 291 25.48 -12.59 7.16
CA ASP C 291 25.71 -13.44 6.00
C ASP C 291 24.72 -14.60 5.80
N THR C 292 23.74 -14.73 6.68
CA THR C 292 22.60 -15.61 6.45
C THR C 292 21.52 -14.96 5.59
N ILE C 293 21.63 -13.67 5.34
CA ILE C 293 20.51 -12.90 4.80
C ILE C 293 20.44 -13.06 3.28
N ALA C 294 19.22 -13.15 2.76
CA ALA C 294 19.02 -13.21 1.31
C ALA C 294 19.80 -12.09 0.60
N GLY C 295 20.40 -12.46 -0.53
CA GLY C 295 21.22 -11.54 -1.30
C GLY C 295 22.63 -11.34 -0.80
N ASP C 296 23.08 -12.16 0.15
CA ASP C 296 24.47 -12.10 0.54
C ASP C 296 25.25 -12.85 -0.55
N PRO C 297 26.48 -12.39 -0.86
CA PRO C 297 27.40 -13.15 -1.70
C PRO C 297 27.56 -14.64 -1.30
N MET C 298 27.64 -14.96 -0.01
CA MET C 298 27.74 -16.36 0.46
C MET C 298 26.61 -17.22 -0.13
N CYS C 299 25.47 -16.58 -0.39
CA CYS C 299 24.41 -17.16 -1.16
C CYS C 299 24.01 -18.57 -0.69
N SER C 300 23.84 -18.74 0.63
CA SER C 300 23.53 -20.06 1.19
C SER C 300 22.16 -20.13 1.87
N PHE C 301 21.95 -19.35 2.91
CA PHE C 301 20.64 -19.33 3.58
C PHE C 301 19.79 -18.29 2.89
N ASN C 302 18.48 -18.34 3.17
CA ASN C 302 17.49 -17.43 2.59
C ASN C 302 16.68 -16.70 3.68
N MET C 303 17.40 -16.07 4.59
CA MET C 303 16.78 -15.44 5.75
C MET C 303 16.52 -13.99 5.47
N THR C 304 15.60 -13.41 6.23
CA THR C 304 15.41 -11.97 6.28
C THR C 304 15.61 -11.51 7.72
N PRO C 305 15.84 -10.21 7.94
CA PRO C 305 16.03 -9.74 9.31
C PRO C 305 14.84 -10.00 10.26
N VAL C 306 13.64 -10.10 9.72
CA VAL C 306 12.46 -10.44 10.52
C VAL C 306 12.71 -11.73 11.29
N GLY C 307 13.10 -12.77 10.56
CA GLY C 307 13.37 -14.09 11.13
C GLY C 307 14.42 -14.07 12.21
N ILE C 308 15.54 -13.39 11.97
CA ILE C 308 16.58 -13.28 12.99
C ILE C 308 16.02 -12.53 14.20
N GLY C 309 15.23 -11.48 13.93
CA GLY C 309 14.57 -10.74 14.99
C GLY C 309 13.75 -11.62 15.94
N LYS C 310 13.04 -12.60 15.40
CA LYS C 310 12.28 -13.50 16.23
C LYS C 310 13.19 -14.25 17.21
N CYS C 311 14.30 -14.78 16.69
CA CYS C 311 15.31 -15.43 17.52
C CYS C 311 15.86 -14.50 18.59
N LEU C 312 16.09 -13.24 18.21
CA LEU C 312 16.57 -12.22 19.14
C LEU C 312 15.59 -11.95 20.25
N LYS C 313 14.33 -11.70 19.86
CA LYS C 313 13.21 -11.51 20.79
C LYS C 313 13.13 -12.66 21.77
N TYR C 314 13.19 -13.88 21.26
CA TYR C 314 13.13 -15.07 22.12
C TYR C 314 14.25 -15.12 23.18
N ILE C 315 15.44 -14.62 22.85
CA ILE C 315 16.54 -14.50 23.82
C ILE C 315 16.33 -13.33 24.80
N LEU C 316 15.80 -12.23 24.29
CA LEU C 316 15.53 -11.05 25.13
C LEU C 316 14.46 -11.28 26.21
N GLN C 317 13.39 -12.02 25.89
CA GLN C 317 12.34 -12.38 26.87
C GLN C 317 12.92 -13.07 28.13
N TRP C 318 14.08 -13.73 28.02
CA TRP C 318 14.77 -14.28 29.20
C TRP C 318 15.23 -13.21 30.21
N GLN C 319 15.29 -11.95 29.81
CA GLN C 319 15.63 -10.85 30.70
C GLN C 319 17.01 -10.99 31.31
N LEU C 320 17.93 -11.71 30.65
CA LEU C 320 19.30 -11.84 31.15
C LEU C 320 20.19 -10.73 30.59
N ALA C 321 21.36 -10.59 31.20
CA ALA C 321 22.39 -9.69 30.69
C ALA C 321 22.79 -10.22 29.32
N THR C 322 22.75 -9.36 28.29
CA THR C 322 22.94 -9.81 26.90
C THR C 322 23.88 -8.89 26.10
N LEU C 323 24.97 -9.47 25.60
CA LEU C 323 25.97 -8.79 24.76
C LEU C 323 25.70 -9.11 23.29
N ILE C 324 25.45 -8.07 22.50
CA ILE C 324 25.05 -8.23 21.10
C ILE C 324 26.25 -7.89 20.23
N LEU C 325 26.55 -8.79 19.29
CA LEU C 325 27.66 -8.64 18.37
C LEU C 325 27.20 -8.85 16.93
N GLY C 326 27.98 -8.27 16.01
CA GLY C 326 27.76 -8.46 14.58
C GLY C 326 28.48 -9.70 14.11
N GLY C 327 29.31 -9.54 13.08
CA GLY C 327 30.06 -10.65 12.49
C GLY C 327 30.15 -10.53 10.97
N GLY C 328 29.83 -11.63 10.29
CA GLY C 328 29.80 -11.62 8.85
C GLY C 328 28.65 -10.80 8.34
N GLY C 329 28.69 -10.53 7.05
CA GLY C 329 27.63 -9.80 6.36
C GLY C 329 28.30 -9.02 5.24
N TYR C 330 28.19 -9.54 4.02
CA TYR C 330 29.00 -9.09 2.91
C TYR C 330 28.25 -8.39 1.77
N ASN C 331 26.91 -8.44 1.79
CA ASN C 331 26.11 -7.42 1.11
C ASN C 331 25.93 -6.29 2.11
N LEU C 332 26.70 -5.22 1.95
CA LEU C 332 26.86 -4.21 2.99
C LEU C 332 25.55 -3.46 3.36
N ALA C 333 24.80 -3.08 2.32
CA ALA C 333 23.51 -2.43 2.52
C ALA C 333 22.54 -3.35 3.26
N ASN C 334 22.39 -4.58 2.76
CA ASN C 334 21.57 -5.58 3.46
C ASN C 334 22.02 -5.82 4.91
N THR C 335 23.34 -5.87 5.13
CA THR C 335 23.88 -6.00 6.49
C THR C 335 23.52 -4.81 7.40
N ALA C 336 23.52 -3.59 6.85
CA ALA C 336 23.05 -2.41 7.58
C ALA C 336 21.53 -2.40 7.79
N ARG C 337 20.77 -2.77 6.75
CA ARG C 337 19.33 -2.93 6.91
C ARG C 337 19.05 -3.88 8.07
N CYS C 338 19.76 -5.02 8.08
CA CYS C 338 19.51 -6.07 9.06
C CYS C 338 19.80 -5.57 10.46
N TRP C 339 21.03 -5.13 10.68
CA TRP C 339 21.44 -4.73 12.01
C TRP C 339 20.71 -3.50 12.54
N THR C 340 20.26 -2.62 11.64
CA THR C 340 19.41 -1.51 12.03
C THR C 340 18.05 -2.08 12.49
N TYR C 341 17.41 -2.86 11.65
CA TYR C 341 16.15 -3.50 12.02
C TYR C 341 16.21 -4.21 13.38
N LEU C 342 17.31 -4.92 13.62
CA LEU C 342 17.52 -5.64 14.88
C LEU C 342 17.73 -4.72 16.10
N THR C 343 18.34 -3.57 15.88
CA THR C 343 18.41 -2.55 16.91
C THR C 343 17.00 -2.11 17.28
N GLY C 344 16.18 -1.91 16.25
CA GLY C 344 14.74 -1.71 16.43
C GLY C 344 14.10 -2.70 17.38
N VAL C 345 14.33 -3.98 17.18
CA VAL C 345 13.62 -4.99 18.00
C VAL C 345 14.11 -4.97 19.45
N ILE C 346 15.39 -4.65 19.66
CA ILE C 346 15.94 -4.51 21.00
C ILE C 346 15.19 -3.39 21.74
N LEU C 347 15.01 -2.28 21.04
CA LEU C 347 14.28 -1.12 21.57
C LEU C 347 12.76 -1.27 21.58
N GLY C 348 12.24 -2.24 20.83
CA GLY C 348 10.80 -2.43 20.71
C GLY C 348 10.13 -1.44 19.78
N LYS C 349 10.89 -0.73 18.95
CA LYS C 349 10.32 0.22 17.98
C LYS C 349 10.07 -0.46 16.62
N THR C 350 9.02 0.00 15.92
CA THR C 350 8.75 -0.36 14.54
C THR C 350 9.32 0.73 13.65
N LEU C 351 10.22 0.36 12.74
CA LEU C 351 10.87 1.34 11.84
C LEU C 351 10.08 1.45 10.56
N SER C 352 10.18 2.60 9.90
CA SER C 352 9.46 2.82 8.66
C SER C 352 10.13 2.08 7.50
N SER C 353 9.31 1.56 6.58
CA SER C 353 9.79 0.91 5.37
C SER C 353 10.73 1.79 4.56
N GLU C 354 10.37 3.05 4.35
CA GLU C 354 11.17 3.94 3.50
C GLU C 354 12.49 4.30 4.20
N ILE C 355 13.60 4.16 3.47
CA ILE C 355 14.93 4.44 4.02
C ILE C 355 15.07 5.95 4.16
N PRO C 356 15.41 6.46 5.36
CA PRO C 356 15.66 7.90 5.52
C PRO C 356 16.84 8.35 4.70
N ASP C 357 16.83 9.61 4.27
CA ASP C 357 18.00 10.23 3.63
C ASP C 357 19.13 10.29 4.70
N HIS C 358 20.35 10.00 4.26
CA HIS C 358 21.55 10.07 5.11
C HIS C 358 22.75 9.91 4.18
N GLU C 359 23.97 10.02 4.71
CA GLU C 359 25.22 9.88 3.92
C GLU C 359 25.14 8.84 2.78
N PHE C 360 24.79 7.59 3.11
CA PHE C 360 24.83 6.47 2.16
C PHE C 360 23.49 6.07 1.56
N PHE C 361 22.56 6.99 1.44
CA PHE C 361 21.26 6.74 0.79
C PHE C 361 21.36 5.98 -0.55
N THR C 362 22.33 6.31 -1.39
CA THR C 362 22.41 5.73 -2.74
C THR C 362 22.71 4.21 -2.78
N ALA C 363 23.32 3.69 -1.72
CA ALA C 363 23.59 2.25 -1.59
C ALA C 363 22.32 1.40 -1.45
N TYR C 364 21.21 2.02 -1.05
CA TYR C 364 19.94 1.30 -0.81
C TYR C 364 19.07 1.26 -2.08
N GLY C 365 19.69 1.41 -3.25
CA GLY C 365 18.99 1.39 -4.54
C GLY C 365 18.86 -0.05 -5.01
N PRO C 366 17.84 -0.37 -5.83
CA PRO C 366 16.96 0.63 -6.47
C PRO C 366 15.67 0.96 -5.72
N ASP C 367 15.30 0.22 -4.69
CA ASP C 367 13.97 0.37 -4.06
C ASP C 367 13.94 1.28 -2.81
N TYR C 368 15.09 1.52 -2.19
CA TYR C 368 15.19 2.41 -1.02
C TYR C 368 14.24 2.05 0.13
N VAL C 369 14.17 0.76 0.44
CA VAL C 369 13.40 0.28 1.58
C VAL C 369 14.25 -0.63 2.47
N LEU C 370 13.76 -0.79 3.70
CA LEU C 370 14.45 -1.55 4.75
C LEU C 370 14.23 -3.06 4.61
N GLU C 371 13.09 -3.48 4.08
CA GLU C 371 12.76 -4.90 3.96
C GLU C 371 13.63 -5.58 2.91
N ILE C 372 13.93 -6.84 3.19
CA ILE C 372 14.72 -7.69 2.33
C ILE C 372 13.80 -8.83 1.89
N THR C 373 13.87 -9.17 0.60
CA THR C 373 12.98 -10.16 0.01
C THR C 373 13.69 -11.49 -0.17
N PRO C 374 13.10 -12.59 0.33
CA PRO C 374 13.79 -13.87 0.12
C PRO C 374 13.98 -14.14 -1.37
N SER C 375 15.13 -14.71 -1.75
CA SER C 375 15.32 -15.25 -3.11
C SER C 375 14.41 -16.46 -3.37
N CYS C 376 14.23 -16.78 -4.65
CA CYS C 376 13.44 -17.94 -5.07
C CYS C 376 14.39 -19.09 -5.34
N ARG C 377 14.88 -19.66 -4.25
CA ARG C 377 15.79 -20.79 -4.27
C ARG C 377 15.11 -21.85 -3.43
N PRO C 378 15.45 -23.12 -3.65
CA PRO C 378 14.73 -24.11 -2.86
C PRO C 378 15.37 -24.30 -1.47
N ASP C 379 14.54 -24.69 -0.52
CA ASP C 379 14.96 -25.02 0.83
C ASP C 379 15.45 -26.48 0.85
N ARG C 380 16.76 -26.69 0.86
CA ARG C 380 17.34 -28.04 0.83
C ARG C 380 17.24 -28.82 2.16
N ASN C 381 16.60 -28.24 3.19
CA ASN C 381 16.54 -28.89 4.50
C ASN C 381 15.33 -29.80 4.58
N GLU C 382 15.56 -31.10 4.47
CA GLU C 382 14.50 -32.11 4.51
C GLU C 382 14.01 -32.26 5.96
N PRO C 383 12.69 -32.16 6.21
CA PRO C 383 12.19 -32.10 7.60
C PRO C 383 12.47 -33.30 8.49
N HIS C 384 12.62 -34.50 7.89
CA HIS C 384 13.05 -35.70 8.63
C HIS C 384 14.45 -35.51 9.21
N ARG C 385 15.40 -35.11 8.35
CA ARG C 385 16.81 -34.87 8.77
C ARG C 385 16.90 -33.82 9.88
N ILE C 386 16.05 -32.80 9.81
CA ILE C 386 15.97 -31.77 10.85
C ILE C 386 15.43 -32.38 12.15
N GLN C 387 14.43 -33.24 12.07
CA GLN C 387 13.86 -33.84 13.28
C GLN C 387 14.85 -34.78 13.99
N GLN C 388 15.64 -35.55 13.23
CA GLN C 388 16.76 -36.35 13.80
C GLN C 388 17.78 -35.46 14.52
N ILE C 389 18.09 -34.31 13.93
CA ILE C 389 19.03 -33.35 14.52
C ILE C 389 18.49 -32.76 15.83
N LEU C 390 17.23 -32.34 15.82
CA LEU C 390 16.61 -31.76 17.03
C LEU C 390 16.53 -32.77 18.16
N ASN C 391 16.27 -34.04 17.85
CA ASN C 391 16.15 -35.09 18.89
C ASN C 391 17.50 -35.46 19.49
N TYR C 392 18.50 -35.66 18.62
CA TYR C 392 19.89 -35.88 19.04
C TYR C 392 20.35 -34.82 20.06
N ILE C 393 20.07 -33.55 19.76
CA ILE C 393 20.39 -32.43 20.65
C ILE C 393 19.57 -32.49 21.95
N LYS C 394 18.27 -32.74 21.84
CA LYS C 394 17.38 -32.95 23.01
C LYS C 394 18.05 -33.93 24.00
N GLY C 395 18.53 -35.05 23.45
CA GLY C 395 19.18 -36.12 24.20
C GLY C 395 20.49 -35.74 24.81
N ASN C 396 21.36 -35.12 24.02
CA ASN C 396 22.58 -34.52 24.55
C ASN C 396 22.28 -33.57 25.73
N LEU C 397 21.24 -32.75 25.62
CA LEU C 397 20.91 -31.83 26.71
C LEU C 397 20.25 -32.49 27.93
N LYS C 398 19.77 -33.74 27.79
CA LYS C 398 19.33 -34.54 28.94
C LYS C 398 20.50 -34.77 29.88
N HIS C 399 21.65 -35.11 29.31
CA HIS C 399 22.86 -35.37 30.09
C HIS C 399 23.32 -34.16 30.94
N VAL C 400 22.97 -32.94 30.54
CA VAL C 400 23.28 -31.73 31.31
C VAL C 400 22.44 -31.63 32.61
N VAL C 401 23.10 -31.91 33.73
CA VAL C 401 22.54 -31.80 35.10
C VAL C 401 22.94 -30.47 35.76
#